data_3IJ6
#
_entry.id   3IJ6
#
_cell.length_a   170.717
_cell.length_b   96.433
_cell.length_c   96.033
_cell.angle_alpha   90.00
_cell.angle_beta   90.40
_cell.angle_gamma   90.00
#
_symmetry.space_group_name_H-M   'C 1 2 1'
#
loop_
_entity.id
_entity.type
_entity.pdbx_description
1 polymer 'UNCHARACTERIZED METAL-DEPENDENT HYDROLASE'
2 non-polymer 'ZINC ION'
3 non-polymer 'SODIUM ION'
4 water water
#
_entity_poly.entity_id   1
_entity_poly.type   'polypeptide(L)'
_entity_poly.pdbx_seq_one_letter_code
;MSLTKIDAYAHILPAKYYQKMLSVEPNIPNMFPFIKIKTLMDLDERLTKWPDQNTKQVISLANISPEDFTDSKTSAELCQ
SANEELSNLVDQHPGKFAGAVAILPMNNIESACKVISSIKDDENLVGAQIFTRHLGKSIADKEFRPVLAQAAKLHVPLWM
HPVFDARKPDNNLVFSWEYELSQAMLQLVQSDLFQDYPNLKILVHHAGAMVPFFSGRIDHILDEKHAQDFKKFYVDTAIL
GNTPALQLAIDYYGIDHVLFGTDAPFAVMPSGADQIITQAINDLTISDKDKQKIFHDNYYSLIKEGHHHHHH
;
_entity_poly.pdbx_strand_id   A,B,C,D
#
loop_
_chem_comp.id
_chem_comp.type
_chem_comp.name
_chem_comp.formula
NA non-polymer 'SODIUM ION' 'Na 1'
ZN non-polymer 'ZINC ION' 'Zn 2'
#
# COMPACT_ATOMS: atom_id res chain seq x y z
N LEU A 3 -10.10 -4.93 43.31
CA LEU A 3 -8.88 -5.06 44.16
C LEU A 3 -7.63 -5.53 43.41
N THR A 4 -7.82 -6.34 42.37
CA THR A 4 -6.71 -7.12 41.80
C THR A 4 -5.80 -6.35 40.83
N LYS A 5 -4.50 -6.44 41.10
CA LYS A 5 -3.47 -5.88 40.24
C LYS A 5 -2.94 -7.00 39.37
N ILE A 6 -2.65 -6.70 38.12
CA ILE A 6 -2.03 -7.69 37.25
C ILE A 6 -0.63 -7.21 36.94
N ASP A 7 0.35 -7.94 37.49
CA ASP A 7 1.77 -7.75 37.22
C ASP A 7 2.09 -8.46 35.93
N ALA A 8 2.15 -7.69 34.85
CA ALA A 8 2.25 -8.24 33.50
C ALA A 8 3.65 -8.69 33.07
N TYR A 9 4.67 -8.40 33.89
CA TYR A 9 6.04 -8.82 33.55
C TYR A 9 6.82 -9.28 34.77
N ALA A 10 6.62 -10.54 35.14
CA ALA A 10 7.33 -11.20 36.21
C ALA A 10 7.98 -12.44 35.61
N HIS A 11 9.05 -12.94 36.22
CA HIS A 11 9.85 -13.99 35.60
C HIS A 11 9.82 -15.27 36.43
N ILE A 12 10.08 -16.40 35.78
CA ILE A 12 10.02 -17.68 36.48
C ILE A 12 10.96 -18.68 35.81
N LEU A 13 11.53 -19.57 36.61
CA LEU A 13 12.25 -20.72 36.11
C LEU A 13 11.58 -21.98 36.66
N PRO A 14 10.64 -22.55 35.88
CA PRO A 14 9.89 -23.76 36.25
C PRO A 14 10.83 -24.91 36.53
N ALA A 15 10.65 -25.56 37.69
CA ALA A 15 11.56 -26.60 38.21
C ALA A 15 11.99 -27.67 37.21
N LYS A 16 11.03 -28.32 36.54
CA LYS A 16 11.31 -29.38 35.56
C LYS A 16 12.07 -28.89 34.33
N TYR A 17 11.75 -27.67 33.89
CA TYR A 17 12.42 -27.03 32.76
C TYR A 17 13.88 -26.72 33.08
N TYR A 18 14.10 -26.20 34.28
CA TYR A 18 15.44 -25.82 34.74
C TYR A 18 16.35 -27.05 34.86
N GLN A 19 15.81 -28.15 35.38
CA GLN A 19 16.55 -29.41 35.50
C GLN A 19 16.88 -30.02 34.14
N LYS A 20 15.97 -29.88 33.18
CA LYS A 20 16.23 -30.27 31.79
C LYS A 20 17.37 -29.44 31.18
N MET A 21 17.44 -28.16 31.55
CA MET A 21 18.46 -27.27 31.02
C MET A 21 19.83 -27.51 31.65
N LEU A 22 19.84 -27.98 32.91
CA LEU A 22 21.07 -28.33 33.63
C LEU A 22 21.79 -29.53 33.00
N SER A 23 21.01 -30.48 32.49
CA SER A 23 21.54 -31.64 31.77
C SER A 23 22.15 -31.25 30.41
N VAL A 24 21.68 -30.12 29.86
CA VAL A 24 22.21 -29.57 28.61
C VAL A 24 23.51 -28.79 28.90
N GLU A 25 23.44 -27.89 29.88
CA GLU A 25 24.62 -27.12 30.27
C GLU A 25 24.75 -27.01 31.79
N PRO A 26 25.76 -27.70 32.37
CA PRO A 26 26.06 -27.65 33.80
C PRO A 26 26.63 -26.31 34.25
N ASN A 27 27.14 -25.53 33.30
CA ASN A 27 27.68 -24.19 33.55
C ASN A 27 26.63 -23.09 33.75
N ILE A 28 25.36 -23.49 33.79
CA ILE A 28 24.23 -22.56 33.96
C ILE A 28 24.23 -21.70 35.26
N PRO A 29 24.41 -22.32 36.46
CA PRO A 29 24.48 -21.46 37.65
C PRO A 29 25.73 -20.58 37.69
N ASN A 30 26.78 -21.02 37.00
CA ASN A 30 28.03 -20.25 36.88
C ASN A 30 27.88 -19.02 35.98
N MET A 31 27.31 -19.22 34.79
CA MET A 31 27.13 -18.15 33.81
C MET A 31 26.00 -17.19 34.19
N PHE A 32 24.96 -17.72 34.82
CA PHE A 32 23.81 -16.92 35.22
C PHE A 32 23.74 -16.76 36.74
N PRO A 33 24.11 -15.56 37.24
CA PRO A 33 24.23 -15.29 38.68
C PRO A 33 22.90 -15.20 39.40
N PHE A 34 21.82 -14.89 38.66
CA PHE A 34 20.50 -14.68 39.24
C PHE A 34 19.77 -15.96 39.69
N ILE A 35 20.44 -17.10 39.52
CA ILE A 35 19.97 -18.39 40.01
C ILE A 35 19.83 -18.45 41.54
N LYS A 36 20.65 -17.68 42.25
CA LYS A 36 20.60 -17.63 43.72
C LYS A 36 19.29 -17.10 44.29
N ILE A 37 18.52 -16.36 43.49
CA ILE A 37 17.18 -15.89 43.85
C ILE A 37 16.21 -17.08 43.91
N LYS A 38 15.87 -17.48 45.13
CA LYS A 38 15.10 -18.72 45.33
C LYS A 38 13.62 -18.64 44.94
N THR A 39 13.05 -17.44 44.95
CA THR A 39 11.68 -17.25 44.49
C THR A 39 11.51 -17.40 42.96
N LEU A 40 12.63 -17.36 42.23
CA LEU A 40 12.62 -17.53 40.77
C LEU A 40 12.43 -18.99 40.33
N MET A 41 13.02 -19.92 41.07
CA MET A 41 13.03 -21.32 40.64
C MET A 41 12.28 -22.31 41.52
N ASP A 42 12.00 -21.90 42.75
CA ASP A 42 11.34 -22.75 43.73
C ASP A 42 9.93 -22.22 43.96
N LEU A 43 8.93 -22.96 43.49
CA LEU A 43 7.55 -22.48 43.44
C LEU A 43 6.93 -22.22 44.81
N ASP A 44 7.15 -23.13 45.76
CA ASP A 44 6.62 -22.95 47.10
C ASP A 44 7.24 -21.75 47.81
N GLU A 45 8.51 -21.47 47.52
CA GLU A 45 9.17 -20.26 48.04
C GLU A 45 8.50 -19.00 47.51
N ARG A 46 8.23 -18.99 46.21
CA ARG A 46 7.55 -17.87 45.54
C ARG A 46 6.18 -17.61 46.16
N LEU A 47 5.41 -18.68 46.38
CA LEU A 47 4.04 -18.56 46.90
C LEU A 47 4.00 -18.21 48.39
N THR A 48 4.93 -18.75 49.17
CA THR A 48 5.07 -18.45 50.60
C THR A 48 5.42 -16.97 50.78
N LYS A 49 6.38 -16.51 49.99
CA LYS A 49 6.89 -15.14 50.10
C LYS A 49 6.22 -14.17 49.13
N TRP A 50 5.05 -14.55 48.62
CA TRP A 50 4.29 -13.74 47.66
C TRP A 50 4.18 -12.27 48.09
N PRO A 51 4.54 -11.33 47.19
CA PRO A 51 4.68 -9.90 47.51
C PRO A 51 3.40 -9.16 47.94
N ASP A 52 2.28 -9.48 47.30
CA ASP A 52 1.02 -8.78 47.56
C ASP A 52 -0.13 -9.73 47.26
N GLN A 53 -1.05 -9.85 48.23
CA GLN A 53 -2.21 -10.73 48.12
C GLN A 53 -3.18 -10.33 47.01
N ASN A 54 -3.18 -9.05 46.66
CA ASN A 54 -4.03 -8.52 45.59
C ASN A 54 -3.31 -8.42 44.25
N THR A 55 -2.20 -9.13 44.13
CA THR A 55 -1.45 -9.17 42.87
C THR A 55 -1.53 -10.55 42.25
N LYS A 56 -1.85 -10.60 40.96
CA LYS A 56 -1.61 -11.80 40.17
C LYS A 56 -0.47 -11.52 39.21
N GLN A 57 0.32 -12.54 38.89
CA GLN A 57 1.47 -12.37 38.00
C GLN A 57 1.27 -13.05 36.64
N VAL A 58 1.72 -12.37 35.59
CA VAL A 58 1.86 -12.99 34.28
C VAL A 58 3.31 -13.45 34.19
N ILE A 59 3.50 -14.74 33.95
CA ILE A 59 4.84 -15.29 34.10
C ILE A 59 5.47 -15.65 32.78
N SER A 60 6.72 -15.23 32.63
CA SER A 60 7.54 -15.52 31.45
C SER A 60 8.86 -16.14 31.93
N LEU A 61 9.54 -16.85 31.05
CA LEU A 61 10.85 -17.39 31.42
C LEU A 61 11.90 -16.30 31.54
N ALA A 62 12.81 -16.45 32.51
CA ALA A 62 14.04 -15.68 32.57
C ALA A 62 14.91 -16.14 31.39
N ASN A 63 15.85 -15.30 30.96
CA ASN A 63 16.61 -15.61 29.72
C ASN A 63 17.63 -16.76 29.82
N ILE A 64 17.12 -17.96 30.05
CA ILE A 64 17.87 -19.18 29.82
C ILE A 64 17.03 -19.89 28.78
N SER A 65 17.44 -19.75 27.53
CA SER A 65 16.67 -20.21 26.39
C SER A 65 17.40 -21.29 25.60
N PRO A 66 16.68 -22.35 25.18
CA PRO A 66 17.23 -23.50 24.45
C PRO A 66 17.99 -23.14 23.17
N GLU A 67 17.59 -22.05 22.51
CA GLU A 67 18.19 -21.63 21.24
C GLU A 67 19.65 -21.18 21.36
N ASP A 68 20.09 -20.89 22.59
CA ASP A 68 21.44 -20.43 22.86
C ASP A 68 22.41 -21.58 23.19
N PHE A 69 21.86 -22.77 23.39
CA PHE A 69 22.66 -23.95 23.77
C PHE A 69 22.45 -25.19 22.87
N THR A 70 21.24 -25.38 22.36
CA THR A 70 20.90 -26.59 21.59
C THR A 70 20.53 -26.30 20.14
N ASP A 71 20.47 -27.38 19.34
CA ASP A 71 20.10 -27.29 17.92
C ASP A 71 18.60 -27.03 17.77
N SER A 72 18.17 -26.75 16.53
CA SER A 72 16.79 -26.37 16.22
C SER A 72 15.72 -27.42 16.61
N LYS A 73 16.06 -28.70 16.49
CA LYS A 73 15.14 -29.79 16.89
C LYS A 73 14.98 -29.91 18.40
N THR A 74 16.10 -30.01 19.12
CA THR A 74 16.10 -30.08 20.60
C THR A 74 15.48 -28.83 21.24
N SER A 75 15.73 -27.67 20.64
CA SER A 75 15.21 -26.39 21.13
C SER A 75 13.69 -26.34 21.04
N ALA A 76 13.16 -26.67 19.86
CA ALA A 76 11.71 -26.73 19.63
C ALA A 76 11.01 -27.67 20.62
N GLU A 77 11.62 -28.84 20.84
CA GLU A 77 11.16 -29.80 21.84
C GLU A 77 11.14 -29.23 23.26
N LEU A 78 12.22 -28.54 23.64
CA LEU A 78 12.38 -27.98 24.99
C LEU A 78 11.48 -26.79 25.26
N CYS A 79 11.25 -25.97 24.25
CA CYS A 79 10.30 -24.87 24.31
C CYS A 79 8.86 -25.33 24.47
N GLN A 80 8.47 -26.36 23.71
CA GLN A 80 7.15 -27.01 23.84
C GLN A 80 6.93 -27.55 25.26
N SER A 81 7.95 -28.18 25.83
CA SER A 81 7.92 -28.70 27.18
CA SER A 81 7.89 -28.70 27.19
C SER A 81 7.83 -27.58 28.23
N ALA A 82 8.47 -26.45 27.93
CA ALA A 82 8.45 -25.31 28.83
C ALA A 82 7.08 -24.62 28.83
N ASN A 83 6.56 -24.37 27.63
CA ASN A 83 5.24 -23.76 27.46
C ASN A 83 4.12 -24.57 28.09
N GLU A 84 4.21 -25.89 27.96
CA GLU A 84 3.28 -26.84 28.60
CA GLU A 84 3.26 -26.78 28.61
C GLU A 84 3.36 -26.72 30.14
N GLU A 85 4.59 -26.65 30.66
CA GLU A 85 4.76 -26.47 32.10
C GLU A 85 4.32 -25.08 32.58
N LEU A 86 4.53 -24.07 31.74
CA LEU A 86 4.07 -22.71 32.01
C LEU A 86 2.54 -22.67 32.06
N SER A 87 1.92 -23.23 31.02
CA SER A 87 0.47 -23.37 30.95
C SER A 87 -0.07 -24.10 32.19
N ASN A 88 0.58 -25.20 32.56
CA ASN A 88 0.24 -25.96 33.76
C ASN A 88 0.29 -25.14 35.05
N LEU A 89 1.34 -24.34 35.22
CA LEU A 89 1.48 -23.49 36.41
C LEU A 89 0.34 -22.50 36.61
N VAL A 90 -0.20 -21.98 35.51
CA VAL A 90 -1.31 -21.03 35.55
C VAL A 90 -2.62 -21.76 35.85
N ASP A 91 -2.85 -22.86 35.12
CA ASP A 91 -4.02 -23.73 35.32
C ASP A 91 -4.10 -24.22 36.77
N GLN A 92 -2.97 -24.70 37.29
CA GLN A 92 -2.90 -25.27 38.63
C GLN A 92 -2.91 -24.23 39.74
N HIS A 93 -2.50 -23.00 39.45
CA HIS A 93 -2.52 -21.94 40.48
C HIS A 93 -3.20 -20.64 39.98
N PRO A 94 -4.53 -20.67 39.77
CA PRO A 94 -5.21 -19.59 39.07
C PRO A 94 -5.44 -18.33 39.92
N GLY A 95 -5.20 -18.41 41.22
CA GLY A 95 -5.33 -17.24 42.10
C GLY A 95 -4.02 -16.50 42.30
N LYS A 96 -2.97 -17.03 41.68
CA LYS A 96 -1.63 -16.45 41.74
C LYS A 96 -1.22 -15.99 40.34
N PHE A 97 -1.41 -16.85 39.35
CA PHE A 97 -0.99 -16.54 38.00
C PHE A 97 -2.12 -16.19 37.06
N ALA A 98 -2.09 -14.96 36.56
CA ALA A 98 -3.08 -14.46 35.60
C ALA A 98 -2.90 -15.07 34.21
N GLY A 99 -1.69 -15.51 33.89
CA GLY A 99 -1.44 -16.12 32.59
C GLY A 99 0.05 -16.33 32.40
N ALA A 100 0.42 -16.97 31.30
CA ALA A 100 1.84 -17.21 31.03
C ALA A 100 2.24 -16.75 29.64
N VAL A 101 3.51 -16.37 29.52
CA VAL A 101 4.06 -15.93 28.27
C VAL A 101 5.01 -17.00 27.72
N ALA A 102 4.68 -17.47 26.51
CA ALA A 102 5.36 -18.59 25.88
C ALA A 102 6.77 -18.31 25.36
N ILE A 103 7.63 -19.32 25.40
CA ILE A 103 8.96 -19.24 24.82
C ILE A 103 8.93 -19.66 23.35
N LEU A 104 9.68 -18.94 22.52
CA LEU A 104 9.78 -19.21 21.10
C LEU A 104 11.16 -19.81 20.79
N PRO A 105 11.20 -20.92 20.02
CA PRO A 105 12.52 -21.34 19.55
C PRO A 105 12.86 -20.55 18.30
N MET A 106 13.64 -19.49 18.45
CA MET A 106 13.88 -18.59 17.31
C MET A 106 14.92 -19.17 16.34
N ASN A 107 15.61 -20.23 16.78
CA ASN A 107 16.35 -21.11 15.84
C ASN A 107 15.47 -22.15 15.09
N ASN A 108 14.19 -22.22 15.42
CA ASN A 108 13.23 -23.02 14.66
C ASN A 108 11.97 -22.21 14.28
N ILE A 109 12.03 -21.52 13.14
CA ILE A 109 10.99 -20.58 12.74
C ILE A 109 9.63 -21.27 12.55
N GLU A 110 9.68 -22.44 11.92
CA GLU A 110 8.52 -23.31 11.72
C GLU A 110 7.83 -23.61 13.06
N SER A 111 8.62 -24.05 14.04
CA SER A 111 8.12 -24.31 15.39
C SER A 111 7.69 -23.04 16.14
N ALA A 112 8.41 -21.94 15.92
CA ALA A 112 8.07 -20.66 16.51
C ALA A 112 6.68 -20.20 16.07
N CYS A 113 6.41 -20.31 14.77
CA CYS A 113 5.08 -20.03 14.21
C CYS A 113 4.00 -20.92 14.82
N LYS A 114 4.32 -22.20 15.04
CA LYS A 114 3.39 -23.15 15.68
C LYS A 114 3.05 -22.73 17.11
N VAL A 115 4.03 -22.20 17.83
CA VAL A 115 3.82 -21.72 19.19
C VAL A 115 2.83 -20.55 19.20
N ILE A 116 3.02 -19.61 18.27
CA ILE A 116 2.11 -18.46 18.13
C ILE A 116 0.69 -18.94 17.87
N SER A 117 0.55 -19.91 16.96
CA SER A 117 -0.72 -20.59 16.69
C SER A 117 -1.31 -21.28 17.92
N SER A 118 -0.46 -21.95 18.70
CA SER A 118 -0.89 -22.67 19.91
C SER A 118 -1.50 -21.77 20.99
N ILE A 119 -1.15 -20.49 20.98
CA ILE A 119 -1.60 -19.52 21.99
C ILE A 119 -3.12 -19.29 21.95
N LYS A 120 -3.70 -19.33 20.75
CA LYS A 120 -5.16 -19.31 20.61
C LYS A 120 -5.83 -20.58 21.17
N ASP A 121 -5.14 -21.72 21.02
CA ASP A 121 -5.65 -23.01 21.48
C ASP A 121 -5.63 -23.19 23.00
N ASP A 122 -4.85 -22.36 23.70
CA ASP A 122 -4.60 -22.53 25.13
C ASP A 122 -4.95 -21.27 25.90
N GLU A 123 -5.91 -21.40 26.81
CA GLU A 123 -6.38 -20.28 27.66
C GLU A 123 -5.33 -19.73 28.61
N ASN A 124 -4.40 -20.57 29.03
CA ASN A 124 -3.39 -20.19 30.03
C ASN A 124 -2.24 -19.37 29.45
N LEU A 125 -2.03 -19.49 28.15
CA LEU A 125 -1.00 -18.72 27.46
C LEU A 125 -1.61 -17.46 26.86
N VAL A 126 -1.04 -16.32 27.22
CA VAL A 126 -1.62 -15.02 26.84
C VAL A 126 -0.77 -14.24 25.82
N GLY A 127 0.41 -14.76 25.51
CA GLY A 127 1.32 -14.16 24.54
C GLY A 127 2.62 -14.93 24.44
N ALA A 128 3.56 -14.41 23.64
CA ALA A 128 4.89 -15.01 23.46
C ALA A 128 6.02 -14.00 23.75
N GLN A 129 7.18 -14.48 24.18
CA GLN A 129 8.29 -13.61 24.51
C GLN A 129 9.30 -13.54 23.38
N ILE A 130 9.62 -12.31 23.00
CA ILE A 130 10.70 -12.04 22.06
C ILE A 130 11.80 -11.31 22.82
N PHE A 131 13.03 -11.44 22.34
CA PHE A 131 14.17 -10.73 22.89
C PHE A 131 14.67 -9.70 21.87
N THR A 132 15.44 -8.72 22.36
CA THR A 132 15.99 -7.65 21.50
C THR A 132 16.95 -8.19 20.43
N ARG A 133 17.70 -9.22 20.80
CA ARG A 133 18.48 -9.98 19.84
C ARG A 133 18.20 -11.49 20.02
N HIS A 134 18.19 -12.22 18.91
CA HIS A 134 18.15 -13.68 18.94
C HIS A 134 19.23 -14.22 18.02
N LEU A 135 20.01 -15.18 18.53
CA LEU A 135 21.09 -15.85 17.78
C LEU A 135 22.17 -14.87 17.30
N GLY A 136 22.36 -13.79 18.05
CA GLY A 136 23.27 -12.72 17.67
C GLY A 136 22.77 -11.89 16.50
N LYS A 137 21.46 -11.88 16.28
CA LYS A 137 20.87 -11.04 15.24
C LYS A 137 19.81 -10.17 15.88
N SER A 138 19.55 -9.01 15.27
CA SER A 138 18.46 -8.14 15.68
C SER A 138 17.12 -8.86 15.57
N ILE A 139 16.21 -8.58 16.50
CA ILE A 139 14.82 -9.00 16.40
C ILE A 139 14.18 -8.49 15.09
N ALA A 140 14.72 -7.41 14.54
CA ALA A 140 14.27 -6.89 13.25
C ALA A 140 14.79 -7.66 12.03
N ASP A 141 15.73 -8.59 12.24
CA ASP A 141 16.26 -9.40 11.12
C ASP A 141 15.12 -10.05 10.35
N LYS A 142 15.27 -10.09 9.02
CA LYS A 142 14.23 -10.63 8.14
CA LYS A 142 14.25 -10.64 8.12
C LYS A 142 13.87 -12.09 8.44
N GLU A 143 14.85 -12.82 8.97
CA GLU A 143 14.67 -14.21 9.39
C GLU A 143 13.56 -14.38 10.41
N PHE A 144 13.45 -13.44 11.35
CA PHE A 144 12.47 -13.53 12.41
C PHE A 144 11.12 -12.91 12.04
N ARG A 145 11.10 -12.18 10.94
CA ARG A 145 9.89 -11.46 10.51
C ARG A 145 8.60 -12.30 10.31
N PRO A 146 8.68 -13.54 9.74
CA PRO A 146 7.45 -14.38 9.68
C PRO A 146 6.80 -14.69 11.04
N VAL A 147 7.59 -14.72 12.10
CA VAL A 147 7.09 -14.95 13.45
C VAL A 147 6.33 -13.72 13.95
N LEU A 148 6.84 -12.53 13.61
CA LEU A 148 6.17 -11.29 14.03
C LEU A 148 4.88 -11.11 13.23
N ALA A 149 4.96 -11.46 11.94
CA ALA A 149 3.83 -11.45 11.02
C ALA A 149 2.70 -12.37 11.48
N GLN A 150 3.06 -13.56 11.96
CA GLN A 150 2.08 -14.51 12.49
C GLN A 150 1.34 -13.96 13.71
N ALA A 151 2.09 -13.36 14.64
CA ALA A 151 1.53 -12.75 15.83
C ALA A 151 0.62 -11.58 15.53
N ALA A 152 0.95 -10.80 14.50
CA ALA A 152 0.09 -9.71 14.04
C ALA A 152 -1.19 -10.31 13.45
N LYS A 153 -1.02 -11.29 12.55
CA LYS A 153 -2.14 -11.99 11.93
CA LYS A 153 -2.14 -11.99 11.93
C LYS A 153 -3.11 -12.56 12.96
N LEU A 154 -2.57 -13.25 13.96
CA LEU A 154 -3.37 -13.96 14.94
C LEU A 154 -3.75 -13.15 16.17
N HIS A 155 -3.36 -11.87 16.18
CA HIS A 155 -3.60 -10.92 17.28
C HIS A 155 -3.05 -11.42 18.61
N VAL A 156 -1.89 -12.08 18.51
CA VAL A 156 -1.10 -12.48 19.68
C VAL A 156 -0.16 -11.34 20.08
N PRO A 157 -0.25 -10.88 21.34
CA PRO A 157 0.67 -9.86 21.81
C PRO A 157 2.03 -10.46 22.17
N LEU A 158 3.08 -9.65 21.97
CA LEU A 158 4.44 -10.08 22.27
C LEU A 158 5.07 -9.26 23.39
N TRP A 159 5.69 -9.97 24.34
CA TRP A 159 6.44 -9.38 25.43
C TRP A 159 7.90 -9.21 24.96
N MET A 160 8.43 -7.99 24.92
CA MET A 160 9.85 -7.80 24.52
C MET A 160 10.80 -7.55 25.69
N HIS A 161 11.85 -8.38 25.77
CA HIS A 161 12.77 -8.41 26.88
C HIS A 161 14.21 -8.16 26.41
N PRO A 162 15.01 -7.38 27.19
CA PRO A 162 16.37 -7.13 26.72
C PRO A 162 17.31 -8.30 26.94
N VAL A 163 18.31 -8.40 26.08
CA VAL A 163 19.42 -9.31 26.27
C VAL A 163 20.70 -8.51 25.94
N PHE A 164 21.79 -8.75 26.66
CA PHE A 164 23.08 -8.16 26.31
C PHE A 164 23.45 -8.46 24.86
N ASP A 165 23.92 -7.44 24.14
CA ASP A 165 24.54 -7.64 22.84
C ASP A 165 26.03 -7.83 23.10
N ALA A 166 26.51 -9.05 22.88
CA ALA A 166 27.89 -9.41 23.20
C ALA A 166 28.93 -8.73 22.32
N ARG A 167 28.51 -8.24 21.14
CA ARG A 167 29.38 -7.44 20.27
C ARG A 167 29.79 -6.07 20.85
N LYS A 168 29.01 -5.56 21.82
CA LYS A 168 29.29 -4.27 22.44
C LYS A 168 30.08 -4.44 23.74
N PRO A 169 31.26 -3.79 23.84
CA PRO A 169 32.01 -3.76 25.09
C PRO A 169 31.33 -2.93 26.19
N ASP A 170 31.69 -3.21 27.44
CA ASP A 170 31.25 -2.49 28.64
C ASP A 170 29.75 -2.66 28.97
N ASN A 171 29.20 -3.83 28.64
CA ASN A 171 27.86 -4.22 29.08
C ASN A 171 27.81 -4.28 30.61
N ASN A 172 26.79 -3.64 31.19
CA ASN A 172 26.58 -3.65 32.63
C ASN A 172 25.08 -3.72 32.94
N LEU A 173 24.73 -3.92 34.20
CA LEU A 173 23.34 -4.10 34.57
C LEU A 173 22.58 -2.78 34.74
N VAL A 174 23.28 -1.65 34.67
CA VAL A 174 22.66 -0.34 34.90
C VAL A 174 22.01 0.22 33.64
N PHE A 175 22.71 0.17 32.52
CA PHE A 175 22.30 0.92 31.34
C PHE A 175 22.16 0.12 30.08
N SER A 176 22.89 -1.00 30.00
CA SER A 176 23.05 -1.67 28.72
C SER A 176 21.77 -2.29 28.17
N TRP A 177 20.93 -2.80 29.07
CA TRP A 177 19.66 -3.41 28.69
C TRP A 177 18.69 -2.39 28.15
N GLU A 178 18.71 -1.17 28.70
CA GLU A 178 17.82 -0.11 28.25
C GLU A 178 18.18 0.39 26.87
N TYR A 179 19.49 0.46 26.59
CA TYR A 179 19.99 0.79 25.25
C TYR A 179 19.58 -0.29 24.23
N GLU A 180 19.62 -1.56 24.62
CA GLU A 180 19.24 -2.67 23.73
C GLU A 180 17.74 -2.64 23.39
N LEU A 181 16.89 -2.28 24.35
CA LEU A 181 15.46 -2.15 24.05
C LEU A 181 15.22 -1.03 23.05
N SER A 182 15.96 0.07 23.22
CA SER A 182 15.86 1.24 22.35
C SER A 182 16.37 0.97 20.95
N GLN A 183 17.51 0.28 20.85
CA GLN A 183 18.01 -0.19 19.55
C GLN A 183 16.97 -1.05 18.85
N ALA A 184 16.45 -2.06 19.58
CA ALA A 184 15.43 -2.98 19.06
C ALA A 184 14.22 -2.27 18.50
N MET A 185 13.70 -1.33 19.27
CA MET A 185 12.54 -0.58 18.84
C MET A 185 12.81 0.20 17.56
N LEU A 186 13.95 0.89 17.50
CA LEU A 186 14.38 1.64 16.32
C LEU A 186 14.57 0.75 15.10
N GLN A 187 15.30 -0.36 15.28
CA GLN A 187 15.46 -1.35 14.21
C GLN A 187 14.13 -1.91 13.68
N LEU A 188 13.15 -2.13 14.57
CA LEU A 188 11.84 -2.61 14.12
C LEU A 188 11.06 -1.53 13.39
N VAL A 189 11.03 -0.33 13.97
CA VAL A 189 10.34 0.80 13.35
C VAL A 189 10.90 1.12 11.95
N GLN A 190 12.23 1.16 11.84
CA GLN A 190 12.88 1.54 10.57
CA GLN A 190 12.90 1.54 10.58
C GLN A 190 12.88 0.43 9.52
N SER A 191 12.53 -0.79 9.93
CA SER A 191 12.36 -1.90 8.97
C SER A 191 10.87 -2.09 8.63
N ASP A 192 10.08 -1.06 8.93
CA ASP A 192 8.68 -0.98 8.57
C ASP A 192 7.81 -2.06 9.19
N LEU A 193 8.04 -2.38 10.47
CA LEU A 193 7.21 -3.36 11.17
C LEU A 193 5.77 -2.87 11.36
N PHE A 194 5.63 -1.64 11.85
CA PHE A 194 4.30 -1.10 12.07
C PHE A 194 3.68 -0.43 10.83
N GLN A 195 4.44 -0.35 9.75
CA GLN A 195 3.90 0.08 8.46
C GLN A 195 3.22 -1.10 7.81
N ASP A 196 3.87 -2.26 7.87
CA ASP A 196 3.29 -3.52 7.40
C ASP A 196 2.25 -4.07 8.38
N TYR A 197 2.51 -3.97 9.68
CA TYR A 197 1.61 -4.52 10.71
C TYR A 197 1.25 -3.51 11.81
N PRO A 198 0.45 -2.47 11.47
CA PRO A 198 0.08 -1.46 12.49
C PRO A 198 -0.71 -1.94 13.70
N ASN A 199 -1.41 -3.09 13.60
CA ASN A 199 -2.17 -3.61 14.74
C ASN A 199 -1.39 -4.58 15.64
N LEU A 200 -0.13 -4.82 15.30
CA LEU A 200 0.73 -5.68 16.12
C LEU A 200 0.95 -5.05 17.49
N LYS A 201 0.77 -5.86 18.53
CA LYS A 201 0.91 -5.42 19.91
C LYS A 201 2.16 -6.02 20.51
N ILE A 202 3.10 -5.15 20.87
CA ILE A 202 4.30 -5.55 21.59
C ILE A 202 4.41 -4.76 22.87
N LEU A 203 4.52 -5.48 23.99
CA LEU A 203 4.76 -4.88 25.29
C LEU A 203 6.24 -4.82 25.57
N VAL A 204 6.72 -3.60 25.83
CA VAL A 204 8.13 -3.36 26.05
C VAL A 204 8.41 -3.15 27.53
N HIS A 205 9.33 -3.97 28.00
CA HIS A 205 9.87 -3.93 29.34
C HIS A 205 10.54 -2.56 29.64
N HIS A 206 10.53 -2.15 30.91
CA HIS A 206 11.20 -0.94 31.42
C HIS A 206 10.69 0.38 30.83
N ALA A 207 9.37 0.46 30.68
CA ALA A 207 8.68 1.72 30.38
C ALA A 207 9.03 2.37 29.05
N GLY A 208 9.43 1.56 28.07
CA GLY A 208 9.80 2.08 26.76
C GLY A 208 11.24 2.57 26.71
N ALA A 209 12.00 2.21 27.74
CA ALA A 209 13.41 2.52 27.84
C ALA A 209 13.70 4.02 27.60
N MET A 210 14.55 4.34 26.63
CA MET A 210 14.96 5.72 26.36
C MET A 210 13.95 6.55 25.59
N VAL A 211 12.88 5.94 25.09
CA VAL A 211 11.94 6.62 24.16
C VAL A 211 11.22 7.87 24.74
N PRO A 212 10.53 7.75 25.89
CA PRO A 212 9.85 8.94 26.45
C PRO A 212 10.78 10.14 26.78
N PHE A 213 12.01 9.87 27.19
CA PHE A 213 12.94 10.93 27.50
C PHE A 213 13.50 11.57 26.24
N PHE A 214 13.78 10.76 25.21
CA PHE A 214 14.41 11.27 23.98
C PHE A 214 13.50 11.27 22.76
N SER A 215 12.20 11.45 22.99
CA SER A 215 11.24 11.53 21.90
C SER A 215 11.47 12.74 20.99
N GLY A 216 11.94 13.85 21.57
CA GLY A 216 12.34 15.04 20.81
C GLY A 216 13.40 14.76 19.76
N ARG A 217 14.40 13.95 20.13
CA ARG A 217 15.41 13.44 19.22
C ARG A 217 14.81 12.58 18.11
N ILE A 218 13.86 11.72 18.50
CA ILE A 218 13.16 10.84 17.53
C ILE A 218 12.42 11.68 16.51
N ASP A 219 11.62 12.64 17.00
CA ASP A 219 10.78 13.48 16.15
C ASP A 219 11.57 14.37 15.17
N HIS A 220 12.80 14.70 15.53
CA HIS A 220 13.66 15.58 14.72
C HIS A 220 14.65 14.84 13.82
N ILE A 221 14.78 13.53 13.99
CA ILE A 221 15.67 12.74 13.14
C ILE A 221 14.90 11.91 12.13
N LEU A 222 13.81 11.29 12.58
CA LEU A 222 13.00 10.40 11.73
C LEU A 222 11.83 11.15 11.08
N ASP A 223 11.41 10.68 9.90
CA ASP A 223 10.22 11.23 9.25
C ASP A 223 8.95 11.04 10.10
N GLU A 224 7.86 11.70 9.70
CA GLU A 224 6.59 11.70 10.45
C GLU A 224 6.09 10.30 10.78
N LYS A 225 6.04 9.43 9.77
CA LYS A 225 5.42 8.11 9.90
C LYS A 225 6.21 7.18 10.83
N HIS A 226 7.54 7.29 10.81
CA HIS A 226 8.38 6.42 11.62
C HIS A 226 8.56 6.92 13.06
N ALA A 227 8.63 8.25 13.23
CA ALA A 227 8.61 8.84 14.56
C ALA A 227 7.34 8.43 15.31
N GLN A 228 6.19 8.53 14.64
CA GLN A 228 4.90 8.23 15.29
C GLN A 228 4.68 6.73 15.51
N ASP A 229 5.39 5.89 14.75
CA ASP A 229 5.34 4.43 14.93
C ASP A 229 5.84 3.97 16.31
N PHE A 230 6.69 4.77 16.95
CA PHE A 230 7.24 4.44 18.28
C PHE A 230 6.17 4.46 19.35
N LYS A 231 5.07 5.15 19.05
CA LYS A 231 3.92 5.29 19.96
C LYS A 231 2.99 4.07 19.94
N LYS A 232 3.22 3.17 18.98
CA LYS A 232 2.44 1.95 18.84
C LYS A 232 2.81 0.87 19.87
N PHE A 233 3.98 0.99 20.48
CA PHE A 233 4.40 0.03 21.53
C PHE A 233 3.58 0.23 22.78
N TYR A 234 3.40 -0.84 23.52
CA TYR A 234 2.81 -0.77 24.84
C TYR A 234 4.00 -0.90 25.75
N VAL A 235 3.94 -0.31 26.94
CA VAL A 235 5.06 -0.43 27.90
C VAL A 235 4.62 -0.91 29.27
N ASP A 236 5.53 -1.53 30.03
CA ASP A 236 5.25 -1.78 31.45
C ASP A 236 5.80 -0.69 32.38
N THR A 237 5.64 -0.88 33.68
CA THR A 237 6.08 0.11 34.64
C THR A 237 7.32 -0.39 35.40
N ALA A 238 8.11 -1.27 34.78
CA ALA A 238 9.21 -1.93 35.50
C ALA A 238 10.49 -1.10 35.52
N ILE A 239 10.46 0.02 36.24
CA ILE A 239 11.63 0.90 36.38
C ILE A 239 11.89 1.26 37.84
N LEU A 240 11.48 0.37 38.72
CA LEU A 240 11.84 0.40 40.12
C LEU A 240 11.37 1.65 40.85
N GLY A 241 10.14 2.08 40.58
CA GLY A 241 9.59 3.25 41.28
C GLY A 241 9.49 4.41 40.30
N ASN A 242 9.97 5.59 40.73
CA ASN A 242 10.09 6.78 39.86
C ASN A 242 8.76 7.28 39.28
N THR A 243 7.94 7.89 40.14
CA THR A 243 6.65 8.45 39.74
C THR A 243 6.71 9.40 38.54
N PRO A 244 7.57 10.45 38.58
CA PRO A 244 7.54 11.36 37.41
C PRO A 244 8.04 10.76 36.09
N ALA A 245 8.86 9.71 36.15
CA ALA A 245 9.25 8.98 34.94
C ALA A 245 8.10 8.16 34.38
N LEU A 246 7.38 7.48 35.27
CA LEU A 246 6.12 6.84 34.91
C LEU A 246 5.14 7.83 34.29
N GLN A 247 5.13 9.06 34.82
CA GLN A 247 4.28 10.14 34.26
C GLN A 247 4.71 10.50 32.83
N LEU A 248 6.02 10.60 32.63
CA LEU A 248 6.63 10.88 31.32
C LEU A 248 6.22 9.84 30.30
N ALA A 249 6.20 8.58 30.71
CA ALA A 249 5.78 7.47 29.85
C ALA A 249 4.30 7.56 29.51
N ILE A 250 3.48 7.98 30.48
CA ILE A 250 2.04 8.15 30.23
C ILE A 250 1.81 9.29 29.23
N ASP A 251 2.55 10.39 29.40
CA ASP A 251 2.50 11.53 28.48
C ASP A 251 2.84 11.14 27.05
N TYR A 252 3.82 10.26 26.89
CA TYR A 252 4.25 9.85 25.57
C TYR A 252 3.37 8.78 24.92
N TYR A 253 3.11 7.69 25.65
CA TYR A 253 2.34 6.57 25.10
C TYR A 253 0.82 6.69 25.27
N GLY A 254 0.38 7.53 26.20
CA GLY A 254 -1.05 7.55 26.56
C GLY A 254 -1.34 6.46 27.57
N ILE A 255 -2.37 6.69 28.39
CA ILE A 255 -2.71 5.83 29.53
C ILE A 255 -3.06 4.38 29.17
N ASP A 256 -3.63 4.19 27.98
CA ASP A 256 -4.04 2.86 27.50
C ASP A 256 -2.88 1.92 27.18
N HIS A 257 -1.67 2.46 27.16
CA HIS A 257 -0.51 1.71 26.69
C HIS A 257 0.51 1.40 27.78
N VAL A 258 0.18 1.81 29.01
CA VAL A 258 1.06 1.71 30.18
C VAL A 258 0.45 0.70 31.18
N LEU A 259 1.20 -0.37 31.41
CA LEU A 259 0.72 -1.54 32.16
C LEU A 259 1.59 -1.76 33.38
N PHE A 260 0.97 -2.01 34.53
CA PHE A 260 1.69 -2.44 35.72
C PHE A 260 2.55 -3.66 35.37
N GLY A 261 3.82 -3.58 35.76
CA GLY A 261 4.79 -4.68 35.60
C GLY A 261 5.93 -4.42 36.57
N THR A 262 6.53 -5.50 37.08
CA THR A 262 7.54 -5.37 38.14
C THR A 262 8.97 -5.81 37.83
N ASP A 263 9.12 -6.78 36.93
CA ASP A 263 10.39 -7.50 36.73
C ASP A 263 10.64 -8.44 37.93
N ALA A 264 9.57 -8.89 38.59
CA ALA A 264 9.67 -9.74 39.78
C ALA A 264 10.28 -11.06 39.39
N PRO A 265 11.10 -11.66 40.29
CA PRO A 265 11.48 -11.22 41.63
C PRO A 265 12.81 -10.44 41.71
N PHE A 266 13.25 -9.89 40.59
CA PHE A 266 14.57 -9.25 40.52
C PHE A 266 14.68 -7.93 41.30
N ALA A 267 15.91 -7.54 41.60
CA ALA A 267 16.28 -6.24 42.23
C ALA A 267 15.89 -6.01 43.68
N VAL A 268 14.67 -6.40 44.07
CA VAL A 268 14.23 -6.25 45.46
C VAL A 268 13.96 -7.62 46.08
N MET A 269 14.73 -7.97 47.11
CA MET A 269 14.58 -9.26 47.77
C MET A 269 13.44 -9.24 48.80
N PRO A 270 12.73 -10.38 48.98
CA PRO A 270 12.92 -11.67 48.30
C PRO A 270 12.12 -11.88 47.00
N SER A 271 11.12 -11.05 46.76
CA SER A 271 10.04 -11.41 45.83
C SER A 271 9.71 -10.34 44.80
N GLY A 272 10.54 -9.30 44.72
CA GLY A 272 10.35 -8.27 43.71
C GLY A 272 9.85 -6.95 44.23
N ALA A 273 9.79 -5.99 43.30
CA ALA A 273 9.58 -4.59 43.64
C ALA A 273 8.12 -4.13 43.56
N ASP A 274 7.18 -5.06 43.75
CA ASP A 274 5.74 -4.80 43.74
C ASP A 274 5.34 -3.54 44.51
N GLN A 275 5.84 -3.43 45.74
CA GLN A 275 5.46 -2.38 46.67
C GLN A 275 5.96 -0.97 46.30
N ILE A 276 7.22 -0.85 45.86
CA ILE A 276 7.74 0.46 45.48
C ILE A 276 7.12 0.94 44.15
N ILE A 277 6.81 -0.01 43.28
CA ILE A 277 6.20 0.28 41.99
C ILE A 277 4.71 0.61 42.15
N THR A 278 4.00 -0.14 43.00
CA THR A 278 2.58 0.14 43.31
C THR A 278 2.44 1.53 43.91
N GLN A 279 3.31 1.83 44.86
CA GLN A 279 3.37 3.15 45.50
C GLN A 279 3.61 4.25 44.47
N ALA A 280 4.60 4.05 43.60
CA ALA A 280 4.90 4.99 42.52
C ALA A 280 3.70 5.35 41.64
N ILE A 281 2.92 4.34 41.29
CA ILE A 281 1.70 4.48 40.47
C ILE A 281 0.59 5.18 41.27
N ASN A 282 0.44 4.81 42.54
CA ASN A 282 -0.56 5.43 43.41
C ASN A 282 -0.26 6.91 43.66
N ASP A 283 1.03 7.26 43.62
CA ASP A 283 1.47 8.63 43.78
C ASP A 283 1.32 9.48 42.53
N LEU A 284 0.88 8.89 41.42
CA LEU A 284 0.66 9.68 40.20
C LEU A 284 -0.57 10.58 40.41
N THR A 285 -0.51 11.77 39.81
CA THR A 285 -1.61 12.73 39.93
C THR A 285 -2.57 12.54 38.77
N ILE A 286 -3.10 11.32 38.69
CA ILE A 286 -4.06 10.94 37.66
C ILE A 286 -5.30 10.35 38.34
N SER A 287 -6.37 10.15 37.58
CA SER A 287 -7.62 9.63 38.14
C SER A 287 -7.54 8.17 38.54
N ASP A 288 -8.53 7.73 39.32
CA ASP A 288 -8.61 6.34 39.77
C ASP A 288 -8.89 5.38 38.61
N LYS A 289 -9.61 5.86 37.61
CA LYS A 289 -9.88 5.09 36.38
C LYS A 289 -8.57 4.79 35.64
N ASP A 290 -7.73 5.82 35.55
CA ASP A 290 -6.43 5.76 34.91
C ASP A 290 -5.48 4.80 35.63
N LYS A 291 -5.50 4.86 36.95
CA LYS A 291 -4.76 3.94 37.81
C LYS A 291 -5.27 2.52 37.67
N GLN A 292 -6.58 2.37 37.57
CA GLN A 292 -7.22 1.08 37.29
C GLN A 292 -6.80 0.50 35.95
N LYS A 293 -6.74 1.34 34.91
CA LYS A 293 -6.22 0.92 33.60
C LYS A 293 -4.80 0.35 33.73
N ILE A 294 -3.92 1.08 34.42
CA ILE A 294 -2.54 0.68 34.63
C ILE A 294 -2.44 -0.63 35.42
N PHE A 295 -3.05 -0.67 36.59
CA PHE A 295 -3.00 -1.86 37.45
C PHE A 295 -3.68 -3.10 36.85
N HIS A 296 -4.69 -2.91 36.00
CA HIS A 296 -5.59 -4.01 35.66
C HIS A 296 -6.08 -4.07 34.20
N ASP A 297 -6.75 -3.01 33.74
CA ASP A 297 -7.54 -3.04 32.51
C ASP A 297 -6.73 -3.09 31.23
N ASN A 298 -5.56 -2.44 31.21
CA ASN A 298 -4.74 -2.37 30.01
C ASN A 298 -4.22 -3.74 29.58
N TYR A 299 -3.93 -4.59 30.58
CA TYR A 299 -3.50 -5.99 30.37
C TYR A 299 -4.55 -6.80 29.64
N TYR A 300 -5.78 -6.72 30.11
CA TYR A 300 -6.88 -7.47 29.52
C TYR A 300 -7.25 -6.94 28.14
N SER A 301 -7.06 -5.65 27.89
CA SER A 301 -7.19 -5.11 26.52
C SER A 301 -6.04 -5.59 25.64
N LEU A 302 -4.85 -5.67 26.21
CA LEU A 302 -3.68 -6.16 25.47
C LEU A 302 -3.88 -7.59 24.99
N ILE A 303 -4.42 -8.45 25.85
CA ILE A 303 -4.53 -9.87 25.55
C ILE A 303 -5.76 -10.33 24.75
N LYS A 304 -6.76 -9.44 24.61
CA LYS A 304 -7.93 -9.64 23.73
C LYS A 304 -7.52 -10.24 22.38
N GLU A 305 -8.16 -11.35 22.01
CA GLU A 305 -7.81 -12.06 20.77
C GLU A 305 -8.67 -11.57 19.61
N LEU B 3 17.54 39.64 33.75
CA LEU B 3 17.38 38.35 33.03
C LEU B 3 17.74 38.41 31.54
N THR B 4 18.61 37.47 31.13
CA THR B 4 18.93 37.20 29.74
C THR B 4 19.24 35.70 29.66
N LYS B 5 18.91 35.06 28.54
CA LYS B 5 19.08 33.61 28.41
C LYS B 5 20.50 33.24 28.04
N ILE B 6 21.13 32.41 28.87
CA ILE B 6 22.45 31.88 28.55
C ILE B 6 22.38 30.42 28.07
N ASP B 7 22.56 30.25 26.76
CA ASP B 7 22.68 28.93 26.12
C ASP B 7 24.04 28.36 26.46
N ALA B 8 24.08 27.50 27.48
CA ALA B 8 25.34 26.98 28.03
C ALA B 8 26.05 25.93 27.16
N TYR B 9 25.37 25.41 26.15
CA TYR B 9 25.98 24.40 25.26
C TYR B 9 25.58 24.61 23.80
N ALA B 10 26.34 25.46 23.11
CA ALA B 10 26.26 25.65 21.67
C ALA B 10 27.62 25.37 21.07
N HIS B 11 27.67 25.06 19.77
CA HIS B 11 28.91 24.58 19.14
C HIS B 11 29.33 25.48 18.00
N ILE B 12 30.63 25.50 17.74
CA ILE B 12 31.18 26.33 16.69
C ILE B 12 32.39 25.66 16.01
N LEU B 13 32.61 25.99 14.74
CA LEU B 13 33.87 25.69 14.07
C LEU B 13 34.51 27.00 13.55
N PRO B 14 35.39 27.62 14.38
CA PRO B 14 36.08 28.89 14.09
C PRO B 14 36.89 28.79 12.81
N ALA B 15 36.77 29.80 11.96
CA ALA B 15 37.24 29.70 10.57
C ALA B 15 38.72 29.38 10.38
N LYS B 16 39.59 30.02 11.17
CA LYS B 16 41.03 29.83 11.07
C LYS B 16 41.45 28.43 11.52
N TYR B 17 40.84 27.95 12.60
CA TYR B 17 41.10 26.62 13.15
C TYR B 17 40.62 25.54 12.17
N TYR B 18 39.41 25.75 11.66
CA TYR B 18 38.85 24.88 10.63
C TYR B 18 39.75 24.79 9.39
N GLN B 19 40.22 25.95 8.90
CA GLN B 19 41.16 25.99 7.78
C GLN B 19 42.54 25.38 8.10
N LYS B 20 42.94 25.43 9.37
CA LYS B 20 44.16 24.74 9.81
C LYS B 20 43.96 23.24 9.83
N MET B 21 42.77 22.79 10.25
CA MET B 21 42.44 21.37 10.30
C MET B 21 42.23 20.73 8.92
N LEU B 22 41.81 21.54 7.93
CA LEU B 22 41.73 21.10 6.54
C LEU B 22 43.12 20.85 5.94
N SER B 23 44.10 21.66 6.36
CA SER B 23 45.48 21.45 5.95
C SER B 23 46.10 20.18 6.57
N VAL B 24 45.54 19.75 7.69
CA VAL B 24 45.94 18.52 8.37
C VAL B 24 45.34 17.29 7.68
N GLU B 25 44.03 17.33 7.46
CA GLU B 25 43.36 16.33 6.62
C GLU B 25 42.27 16.98 5.78
N PRO B 26 42.50 17.09 4.46
CA PRO B 26 41.49 17.65 3.54
C PRO B 26 40.28 16.73 3.28
N ASN B 27 40.29 15.52 3.85
CA ASN B 27 39.18 14.58 3.74
C ASN B 27 38.12 14.74 4.83
N ILE B 28 38.33 15.73 5.70
CA ILE B 28 37.41 16.07 6.80
C ILE B 28 35.96 16.43 6.42
N PRO B 29 35.75 17.26 5.36
CA PRO B 29 34.35 17.50 4.94
C PRO B 29 33.59 16.24 4.45
N ASN B 30 34.33 15.19 4.08
CA ASN B 30 33.72 13.89 3.80
C ASN B 30 33.44 13.08 5.06
N MET B 31 34.36 13.12 6.02
CA MET B 31 34.25 12.36 7.27
C MET B 31 33.24 12.92 8.28
N PHE B 32 32.91 14.20 8.15
CA PHE B 32 32.03 14.86 9.10
C PHE B 32 30.87 15.55 8.38
N PRO B 33 29.64 15.05 8.61
CA PRO B 33 28.46 15.48 7.86
C PRO B 33 27.89 16.85 8.27
N PHE B 34 28.25 17.32 9.45
CA PHE B 34 27.68 18.56 10.02
C PHE B 34 28.33 19.86 9.50
N ILE B 35 29.32 19.71 8.62
CA ILE B 35 29.98 20.81 7.91
C ILE B 35 28.99 21.57 7.00
N LYS B 36 28.00 20.84 6.49
CA LYS B 36 26.86 21.36 5.72
C LYS B 36 26.17 22.57 6.38
N ILE B 37 26.05 22.54 7.72
CA ILE B 37 25.35 23.58 8.49
C ILE B 37 26.14 24.89 8.48
N LYS B 38 25.57 25.90 7.81
CA LYS B 38 26.26 27.14 7.50
C LYS B 38 26.63 27.92 8.75
N THR B 39 25.68 28.05 9.68
CA THR B 39 25.89 28.77 10.94
C THR B 39 26.94 28.16 11.89
N LEU B 40 27.31 26.90 11.68
CA LEU B 40 28.41 26.29 12.44
C LEU B 40 29.76 26.82 11.97
N MET B 41 29.84 27.08 10.67
CA MET B 41 31.09 27.32 9.95
C MET B 41 31.35 28.79 9.72
N ASP B 42 30.27 29.54 9.53
CA ASP B 42 30.32 30.88 9.00
C ASP B 42 29.77 31.80 10.07
N LEU B 43 30.66 32.60 10.65
CA LEU B 43 30.32 33.44 11.78
C LEU B 43 29.27 34.48 11.43
N ASP B 44 29.41 35.12 10.27
CA ASP B 44 28.40 36.10 9.84
C ASP B 44 27.02 35.48 9.59
N GLU B 45 26.99 34.27 9.03
CA GLU B 45 25.74 33.49 8.91
C GLU B 45 25.10 33.26 10.29
N ARG B 46 25.92 32.79 11.24
CA ARG B 46 25.47 32.58 12.62
C ARG B 46 24.87 33.85 13.23
N LEU B 47 25.55 34.97 13.05
CA LEU B 47 25.11 36.25 13.61
C LEU B 47 23.89 36.80 12.91
N THR B 48 23.80 36.59 11.59
CA THR B 48 22.64 37.05 10.80
C THR B 48 21.38 36.29 11.18
N LYS B 49 21.48 34.96 11.18
CA LYS B 49 20.33 34.12 11.47
C LYS B 49 20.27 33.72 12.95
N TRP B 50 20.73 34.63 13.80
CA TRP B 50 20.76 34.44 15.26
C TRP B 50 19.35 34.15 15.79
N PRO B 51 19.19 33.04 16.54
CA PRO B 51 17.87 32.49 16.87
C PRO B 51 17.00 33.30 17.86
N ASP B 52 17.63 34.00 18.79
CA ASP B 52 16.91 34.83 19.75
C ASP B 52 17.84 35.94 20.21
N GLN B 53 17.36 37.18 20.16
CA GLN B 53 18.13 38.36 20.58
CA GLN B 53 18.18 38.33 20.58
C GLN B 53 18.32 38.41 22.10
N ASN B 54 17.48 37.66 22.83
CA ASN B 54 17.60 37.54 24.27
CA ASN B 54 17.59 37.54 24.28
C ASN B 54 18.47 36.35 24.69
N THR B 55 19.13 35.75 23.71
CA THR B 55 20.05 34.64 23.96
C THR B 55 21.50 35.06 23.74
N LYS B 56 22.34 34.75 24.71
CA LYS B 56 23.77 34.66 24.49
C LYS B 56 24.18 33.19 24.57
N GLN B 57 25.19 32.81 23.79
CA GLN B 57 25.64 31.42 23.73
C GLN B 57 27.00 31.22 24.37
N VAL B 58 27.18 30.06 25.00
CA VAL B 58 28.50 29.63 25.43
C VAL B 58 28.96 28.64 24.37
N ILE B 59 30.07 28.97 23.72
CA ILE B 59 30.51 28.25 22.54
C ILE B 59 31.66 27.29 22.84
N SER B 60 31.56 26.09 22.28
CA SER B 60 32.61 25.09 22.38
C SER B 60 32.81 24.49 21.01
N LEU B 61 33.95 23.86 20.79
CA LEU B 61 34.24 23.32 19.48
C LEU B 61 33.38 22.11 19.23
N ALA B 62 32.88 21.99 18.00
CA ALA B 62 32.31 20.74 17.51
C ALA B 62 33.43 19.70 17.45
N ASN B 63 33.07 18.41 17.44
CA ASN B 63 34.07 17.34 17.55
C ASN B 63 34.87 17.04 16.28
N ILE B 64 35.75 17.98 15.92
CA ILE B 64 36.89 17.70 15.07
C ILE B 64 38.03 18.16 15.94
N SER B 65 38.59 17.21 16.69
CA SER B 65 39.66 17.49 17.64
C SER B 65 41.00 17.10 17.02
N PRO B 66 42.05 17.93 17.23
CA PRO B 66 43.41 17.65 16.73
C PRO B 66 44.03 16.35 17.23
N GLU B 67 43.65 15.91 18.42
CA GLU B 67 44.11 14.65 19.01
C GLU B 67 43.79 13.41 18.17
N ASP B 68 42.79 13.53 17.31
CA ASP B 68 42.37 12.44 16.44
C ASP B 68 43.14 12.40 15.11
N PHE B 69 43.93 13.44 14.86
CA PHE B 69 44.53 13.62 13.53
C PHE B 69 46.06 13.82 13.51
N THR B 70 46.61 14.36 14.61
CA THR B 70 48.06 14.66 14.67
C THR B 70 48.74 14.11 15.92
N ASP B 71 50.07 14.27 15.95
CA ASP B 71 50.90 13.86 17.09
C ASP B 71 50.67 14.75 18.32
N SER B 72 51.31 14.39 19.43
CA SER B 72 51.12 15.08 20.72
CA SER B 72 51.12 15.08 20.71
C SER B 72 51.50 16.56 20.68
N LYS B 73 52.62 16.88 20.04
CA LYS B 73 53.12 18.26 20.00
C LYS B 73 52.28 19.18 19.12
N THR B 74 51.91 18.66 17.94
CA THR B 74 51.16 19.44 16.95
C THR B 74 49.73 19.69 17.44
N SER B 75 49.19 18.69 18.14
CA SER B 75 47.88 18.77 18.80
C SER B 75 47.82 19.86 19.88
N ALA B 76 48.86 19.93 20.71
CA ALA B 76 48.95 20.98 21.73
C ALA B 76 48.98 22.38 21.11
N GLU B 77 49.72 22.53 20.02
CA GLU B 77 49.79 23.79 19.30
C GLU B 77 48.46 24.16 18.66
N LEU B 78 47.80 23.17 18.06
CA LEU B 78 46.53 23.40 17.39
C LEU B 78 45.42 23.76 18.37
N CYS B 79 45.45 23.15 19.56
CA CYS B 79 44.45 23.41 20.60
C CYS B 79 44.63 24.80 21.22
N GLN B 80 45.88 25.16 21.51
CA GLN B 80 46.22 26.50 22.02
C GLN B 80 45.74 27.59 21.05
N SER B 81 46.02 27.38 19.77
CA SER B 81 45.55 28.26 18.70
C SER B 81 44.02 28.36 18.64
N ALA B 82 43.34 27.22 18.82
CA ALA B 82 41.87 27.15 18.83
C ALA B 82 41.26 27.88 20.02
N ASN B 83 41.83 27.66 21.19
CA ASN B 83 41.47 28.36 22.43
C ASN B 83 41.64 29.87 22.36
N GLU B 84 42.75 30.29 21.76
CA GLU B 84 43.05 31.69 21.52
C GLU B 84 42.01 32.32 20.60
N GLU B 85 41.65 31.59 19.55
CA GLU B 85 40.62 32.03 18.61
C GLU B 85 39.24 32.10 19.28
N LEU B 86 38.95 31.10 20.10
CA LEU B 86 37.68 31.04 20.84
C LEU B 86 37.56 32.19 21.82
N SER B 87 38.65 32.47 22.53
CA SER B 87 38.74 33.62 23.45
C SER B 87 38.51 34.94 22.72
N ASN B 88 39.12 35.09 21.54
CA ASN B 88 38.92 36.28 20.72
C ASN B 88 37.46 36.47 20.28
N LEU B 89 36.80 35.38 19.90
CA LEU B 89 35.40 35.41 19.47
C LEU B 89 34.43 35.95 20.51
N VAL B 90 34.66 35.61 21.78
CA VAL B 90 33.90 36.14 22.93
C VAL B 90 34.20 37.62 23.19
N ASP B 91 35.49 37.96 23.21
CA ASP B 91 35.97 39.32 23.31
C ASP B 91 35.34 40.21 22.24
N GLN B 92 35.34 39.72 20.99
CA GLN B 92 34.86 40.52 19.86
C GLN B 92 33.35 40.66 19.75
N HIS B 93 32.61 39.71 20.30
CA HIS B 93 31.15 39.71 20.20
C HIS B 93 30.47 39.44 21.54
N PRO B 94 30.61 40.37 22.51
CA PRO B 94 30.19 40.09 23.89
C PRO B 94 28.69 40.22 24.11
N GLY B 95 27.95 40.65 23.10
CA GLY B 95 26.48 40.67 23.16
C GLY B 95 25.90 39.38 22.60
N LYS B 96 26.76 38.54 22.03
CA LYS B 96 26.33 37.28 21.42
C LYS B 96 26.90 36.06 22.16
N PHE B 97 28.16 36.14 22.58
CA PHE B 97 28.81 35.04 23.26
C PHE B 97 29.14 35.35 24.72
N ALA B 98 28.47 34.63 25.63
CA ALA B 98 28.69 34.74 27.08
C ALA B 98 30.07 34.25 27.50
N GLY B 99 30.60 33.27 26.79
CA GLY B 99 31.91 32.70 27.13
C GLY B 99 32.25 31.60 26.17
N ALA B 100 33.45 31.04 26.32
CA ALA B 100 33.88 29.91 25.49
C ALA B 100 34.38 28.73 26.31
N VAL B 101 34.25 27.53 25.75
CA VAL B 101 34.70 26.31 26.43
C VAL B 101 35.92 25.80 25.68
N ALA B 102 37.03 25.66 26.39
CA ALA B 102 38.33 25.35 25.78
C ALA B 102 38.46 23.90 25.35
N ILE B 103 39.17 23.67 24.25
CA ILE B 103 39.51 22.33 23.75
C ILE B 103 40.75 21.81 24.45
N LEU B 104 40.76 20.52 24.78
CA LEU B 104 41.88 19.89 25.46
C LEU B 104 42.63 18.93 24.52
N PRO B 105 43.97 18.97 24.54
CA PRO B 105 44.78 18.00 23.83
C PRO B 105 45.01 16.74 24.67
N MET B 106 44.09 15.79 24.58
CA MET B 106 44.12 14.64 25.49
C MET B 106 45.19 13.61 25.13
N ASN B 107 45.75 13.76 23.94
CA ASN B 107 47.02 13.08 23.60
C ASN B 107 48.27 13.78 24.15
N ASN B 108 48.09 14.88 24.89
CA ASN B 108 49.20 15.62 25.49
C ASN B 108 48.83 16.10 26.89
N ILE B 109 49.03 15.22 27.88
CA ILE B 109 48.48 15.40 29.23
C ILE B 109 49.02 16.64 29.94
N GLU B 110 50.33 16.82 29.83
CA GLU B 110 51.03 18.00 30.34
C GLU B 110 50.37 19.27 29.80
N SER B 111 50.21 19.33 28.47
CA SER B 111 49.63 20.48 27.82
C SER B 111 48.16 20.69 28.20
N ALA B 112 47.40 19.59 28.33
CA ALA B 112 46.01 19.62 28.78
C ALA B 112 45.86 20.19 30.21
N CYS B 113 46.79 19.85 31.11
CA CYS B 113 46.88 20.47 32.43
C CYS B 113 47.15 21.98 32.37
N LYS B 114 48.02 22.40 31.45
CA LYS B 114 48.31 23.84 31.22
C LYS B 114 47.07 24.58 30.73
N VAL B 115 46.26 23.93 29.90
CA VAL B 115 44.99 24.50 29.44
C VAL B 115 44.06 24.80 30.60
N ILE B 116 43.93 23.83 31.51
CA ILE B 116 43.10 23.98 32.71
C ILE B 116 43.58 25.18 33.54
N SER B 117 44.90 25.31 33.70
CA SER B 117 45.50 26.42 34.45
C SER B 117 45.31 27.78 33.78
N SER B 118 45.27 27.78 32.44
CA SER B 118 45.13 29.02 31.67
C SER B 118 43.70 29.58 31.67
N ILE B 119 42.74 28.78 32.10
CA ILE B 119 41.32 29.17 32.11
C ILE B 119 41.05 30.24 33.19
N LYS B 120 41.78 30.18 34.30
CA LYS B 120 41.74 31.20 35.36
C LYS B 120 42.31 32.55 34.92
N ASP B 121 43.23 32.51 33.96
CA ASP B 121 43.95 33.68 33.48
C ASP B 121 43.27 34.38 32.30
N ASP B 122 42.11 33.87 31.88
CA ASP B 122 41.40 34.39 30.71
C ASP B 122 39.92 34.45 31.02
N GLU B 123 39.37 35.66 31.01
CA GLU B 123 37.96 35.90 31.33
C GLU B 123 37.01 35.27 30.30
N ASN B 124 37.46 35.18 29.06
CA ASN B 124 36.61 34.68 27.98
C ASN B 124 36.45 33.16 27.96
N LEU B 125 37.44 32.46 28.54
CA LEU B 125 37.43 31.00 28.65
C LEU B 125 36.81 30.58 29.97
N VAL B 126 35.73 29.82 29.86
CA VAL B 126 34.78 29.61 30.95
C VAL B 126 34.85 28.16 31.51
N GLY B 127 35.35 27.24 30.69
CA GLY B 127 35.60 25.88 31.14
C GLY B 127 36.40 25.13 30.09
N ALA B 128 36.47 23.81 30.24
CA ALA B 128 37.10 22.95 29.21
C ALA B 128 36.12 21.84 28.82
N GLN B 129 36.26 21.34 27.59
CA GLN B 129 35.37 20.32 27.09
C GLN B 129 36.06 18.96 27.14
N ILE B 130 35.36 18.01 27.75
CA ILE B 130 35.79 16.62 27.76
C ILE B 130 34.80 15.79 26.93
N PHE B 131 35.26 14.64 26.47
CA PHE B 131 34.42 13.78 25.69
C PHE B 131 34.22 12.48 26.45
N THR B 132 33.20 11.71 26.08
CA THR B 132 32.87 10.46 26.78
C THR B 132 33.99 9.44 26.58
N ARG B 133 34.63 9.51 25.42
CA ARG B 133 35.88 8.79 25.14
C ARG B 133 36.94 9.68 24.48
N HIS B 134 38.20 9.54 24.88
CA HIS B 134 39.32 10.18 24.19
C HIS B 134 40.31 9.13 23.69
N LEU B 135 40.58 9.14 22.38
CA LEU B 135 41.54 8.25 21.72
C LEU B 135 41.21 6.77 21.96
N GLY B 136 39.90 6.44 21.94
CA GLY B 136 39.43 5.08 22.15
C GLY B 136 39.43 4.56 23.58
N LYS B 137 39.69 5.45 24.56
CA LYS B 137 39.64 5.07 25.97
C LYS B 137 38.52 5.85 26.64
N SER B 138 38.02 5.35 27.77
CA SER B 138 36.98 6.05 28.51
C SER B 138 37.55 7.33 29.10
N ILE B 139 36.69 8.33 29.28
CA ILE B 139 37.04 9.55 30.04
C ILE B 139 37.54 9.20 31.46
N ALA B 140 37.05 8.07 31.99
CA ALA B 140 37.37 7.59 33.33
C ALA B 140 38.69 6.85 33.42
N ASP B 141 39.31 6.61 32.27
CA ASP B 141 40.64 5.99 32.21
C ASP B 141 41.66 6.79 33.03
N LYS B 142 42.58 6.06 33.66
CA LYS B 142 43.65 6.66 34.46
C LYS B 142 44.51 7.66 33.69
N GLU B 143 44.63 7.46 32.37
CA GLU B 143 45.35 8.37 31.47
C GLU B 143 44.91 9.84 31.60
N PHE B 144 43.61 10.07 31.84
CA PHE B 144 43.04 11.42 31.83
C PHE B 144 42.68 11.93 33.21
N ARG B 145 42.84 11.09 34.22
CA ARG B 145 42.56 11.46 35.61
C ARG B 145 43.30 12.71 36.12
N PRO B 146 44.62 12.88 35.80
CA PRO B 146 45.28 14.13 36.21
C PRO B 146 44.58 15.40 35.71
N VAL B 147 44.03 15.35 34.51
CA VAL B 147 43.35 16.49 33.91
C VAL B 147 42.08 16.79 34.69
N LEU B 148 41.33 15.74 35.03
CA LEU B 148 40.15 15.88 35.87
C LEU B 148 40.50 16.37 37.28
N ALA B 149 41.62 15.87 37.82
CA ALA B 149 42.09 16.30 39.15
C ALA B 149 42.48 17.78 39.18
N GLN B 150 43.13 18.23 38.11
CA GLN B 150 43.54 19.63 37.98
C GLN B 150 42.31 20.54 37.94
N ALA B 151 41.28 20.14 37.21
CA ALA B 151 40.03 20.90 37.11
C ALA B 151 39.29 21.01 38.43
N ALA B 152 39.36 19.95 39.22
CA ALA B 152 38.79 19.93 40.57
C ALA B 152 39.58 20.88 41.48
N LYS B 153 40.90 20.74 41.47
CA LYS B 153 41.82 21.56 42.25
C LYS B 153 41.66 23.06 41.99
N LEU B 154 41.61 23.44 40.71
CA LEU B 154 41.50 24.85 40.31
C LEU B 154 40.07 25.38 40.15
N HIS B 155 39.08 24.52 40.42
CA HIS B 155 37.64 24.88 40.30
C HIS B 155 37.17 25.25 38.87
N VAL B 156 37.76 24.59 37.88
CA VAL B 156 37.32 24.71 36.49
C VAL B 156 36.19 23.73 36.17
N PRO B 157 35.01 24.25 35.76
CA PRO B 157 33.93 23.40 35.31
C PRO B 157 34.23 22.77 33.96
N LEU B 158 33.84 21.51 33.80
CA LEU B 158 34.02 20.79 32.55
C LEU B 158 32.68 20.53 31.87
N TRP B 159 32.64 20.75 30.56
CA TRP B 159 31.53 20.43 29.69
C TRP B 159 31.78 19.02 29.15
N MET B 160 30.86 18.08 29.34
CA MET B 160 31.04 16.71 28.82
C MET B 160 30.18 16.44 27.60
N HIS B 161 30.81 16.00 26.51
CA HIS B 161 30.13 15.82 25.24
C HIS B 161 30.23 14.35 24.77
N PRO B 162 29.16 13.82 24.14
CA PRO B 162 29.27 12.46 23.60
C PRO B 162 30.07 12.34 22.31
N VAL B 163 30.69 11.18 22.14
CA VAL B 163 31.22 10.76 20.85
C VAL B 163 30.76 9.30 20.62
N PHE B 164 30.52 8.92 19.38
CA PHE B 164 30.26 7.52 19.03
C PHE B 164 31.45 6.67 19.46
N ASP B 165 31.17 5.51 20.08
CA ASP B 165 32.19 4.49 20.33
C ASP B 165 32.18 3.58 19.11
N ALA B 166 33.26 3.65 18.32
CA ALA B 166 33.35 2.88 17.08
C ALA B 166 33.41 1.36 17.30
N ARG B 167 33.82 0.94 18.51
CA ARG B 167 33.81 -0.47 18.92
C ARG B 167 32.39 -1.08 18.95
N LYS B 168 31.37 -0.23 19.07
CA LYS B 168 29.99 -0.70 19.20
C LYS B 168 29.28 -0.65 17.86
N PRO B 169 28.69 -1.78 17.42
CA PRO B 169 27.95 -1.83 16.17
C PRO B 169 26.62 -1.08 16.29
N ASP B 170 26.06 -0.71 15.14
CA ASP B 170 24.76 -0.03 15.00
C ASP B 170 24.68 1.33 15.71
N ASN B 171 25.79 2.09 15.75
CA ASN B 171 25.75 3.47 16.21
C ASN B 171 24.83 4.34 15.37
N ASN B 172 24.06 5.20 16.00
CA ASN B 172 23.08 6.04 15.31
C ASN B 172 22.85 7.33 16.07
N LEU B 173 22.23 8.30 15.40
CA LEU B 173 22.02 9.65 15.94
C LEU B 173 20.88 9.71 16.93
N VAL B 174 20.04 8.67 16.96
CA VAL B 174 18.88 8.62 17.84
C VAL B 174 19.25 8.31 19.31
N PHE B 175 20.01 7.23 19.55
CA PHE B 175 20.24 6.74 20.94
C PHE B 175 21.68 6.51 21.37
N SER B 176 22.59 6.33 20.42
CA SER B 176 23.95 5.90 20.79
C SER B 176 24.70 6.90 21.67
N TRP B 177 24.70 8.17 21.28
CA TRP B 177 25.36 9.23 22.06
C TRP B 177 24.88 9.34 23.51
N GLU B 178 23.62 9.05 23.75
CA GLU B 178 23.01 9.13 25.09
CA GLU B 178 23.09 9.16 25.11
C GLU B 178 23.46 7.94 25.93
N TYR B 179 23.62 6.82 25.27
CA TYR B 179 24.10 5.64 25.95
C TYR B 179 25.55 5.94 26.35
N GLU B 180 26.29 6.55 25.42
CA GLU B 180 27.70 6.92 25.66
C GLU B 180 27.86 7.90 26.82
N LEU B 181 26.95 8.85 26.94
CA LEU B 181 26.97 9.76 28.09
C LEU B 181 26.76 9.04 29.40
N SER B 182 25.85 8.06 29.39
CA SER B 182 25.48 7.32 30.60
C SER B 182 26.61 6.40 31.03
N GLN B 183 27.18 5.70 30.06
CA GLN B 183 28.37 4.89 30.27
C GLN B 183 29.47 5.66 30.95
N ALA B 184 29.74 6.86 30.42
CA ALA B 184 30.84 7.68 30.91
C ALA B 184 30.64 8.15 32.35
N MET B 185 29.40 8.58 32.68
CA MET B 185 29.04 8.96 34.04
C MET B 185 29.22 7.77 35.00
N LEU B 186 28.76 6.58 34.59
CA LEU B 186 28.88 5.37 35.41
C LEU B 186 30.33 4.99 35.65
N GLN B 187 31.12 5.04 34.57
CA GLN B 187 32.54 4.77 34.60
C GLN B 187 33.30 5.76 35.50
N LEU B 188 32.97 7.06 35.41
CA LEU B 188 33.53 8.07 36.32
C LEU B 188 33.13 7.84 37.77
N VAL B 189 31.84 7.63 38.02
CA VAL B 189 31.31 7.40 39.37
C VAL B 189 31.97 6.19 40.03
N GLN B 190 31.97 5.05 39.33
CA GLN B 190 32.53 3.79 39.87
C GLN B 190 34.07 3.78 40.00
N SER B 191 34.75 4.67 39.30
CA SER B 191 36.19 4.86 39.45
C SER B 191 36.53 5.88 40.55
N ASP B 192 35.55 6.21 41.38
CA ASP B 192 35.69 7.06 42.58
C ASP B 192 36.08 8.52 42.33
N LEU B 193 35.63 9.08 41.21
CA LEU B 193 35.96 10.46 40.82
C LEU B 193 35.40 11.45 41.85
N PHE B 194 34.12 11.30 42.19
CA PHE B 194 33.50 12.16 43.19
C PHE B 194 33.74 11.70 44.64
N GLN B 195 34.41 10.57 44.80
CA GLN B 195 34.84 10.19 46.14
C GLN B 195 36.10 10.97 46.46
N ASP B 196 36.99 11.07 45.46
CA ASP B 196 38.22 11.85 45.58
C ASP B 196 37.99 13.36 45.43
N TYR B 197 37.09 13.75 44.52
CA TYR B 197 36.81 15.17 44.23
C TYR B 197 35.32 15.48 44.19
N PRO B 198 34.65 15.51 45.37
CA PRO B 198 33.24 15.87 45.42
C PRO B 198 32.86 17.25 44.85
N ASN B 199 33.79 18.20 44.85
CA ASN B 199 33.51 19.55 44.35
C ASN B 199 33.70 19.75 42.84
N LEU B 200 34.19 18.73 42.14
CA LEU B 200 34.35 18.83 40.69
C LEU B 200 33.02 19.07 40.01
N LYS B 201 33.00 20.03 39.09
CA LYS B 201 31.81 20.37 38.35
C LYS B 201 31.94 19.92 36.91
N ILE B 202 31.04 19.00 36.53
CA ILE B 202 30.89 18.58 35.14
C ILE B 202 29.48 18.89 34.68
N LEU B 203 29.38 19.60 33.56
CA LEU B 203 28.10 19.83 32.90
C LEU B 203 27.91 18.81 31.78
N VAL B 204 26.88 17.98 31.96
CA VAL B 204 26.54 16.90 31.04
C VAL B 204 25.45 17.31 30.07
N HIS B 205 25.81 17.17 28.80
CA HIS B 205 24.93 17.35 27.67
C HIS B 205 23.66 16.44 27.76
N HIS B 206 22.55 16.96 27.23
CA HIS B 206 21.30 16.20 27.02
C HIS B 206 20.61 15.74 28.30
N ALA B 207 20.49 16.66 29.26
CA ALA B 207 19.71 16.47 30.48
C ALA B 207 20.08 15.26 31.35
N GLY B 208 21.35 14.88 31.32
CA GLY B 208 21.84 13.77 32.13
C GLY B 208 21.57 12.43 31.50
N ALA B 209 21.17 12.47 30.23
CA ALA B 209 20.95 11.27 29.42
C ALA B 209 20.00 10.22 30.06
N MET B 210 20.48 9.02 30.35
CA MET B 210 19.58 7.96 30.85
C MET B 210 19.34 7.93 32.37
N VAL B 211 20.06 8.79 33.10
CA VAL B 211 20.04 8.77 34.57
C VAL B 211 18.69 9.16 35.22
N PRO B 212 18.09 10.30 34.83
CA PRO B 212 16.78 10.61 35.45
C PRO B 212 15.67 9.55 35.28
N PHE B 213 15.55 8.94 34.10
CA PHE B 213 14.52 7.94 33.89
C PHE B 213 14.82 6.62 34.64
N PHE B 214 16.10 6.30 34.75
CA PHE B 214 16.53 4.99 35.31
C PHE B 214 17.27 5.09 36.62
N SER B 215 16.98 6.15 37.38
CA SER B 215 17.52 6.35 38.71
C SER B 215 17.15 5.23 39.66
N GLY B 216 16.00 4.59 39.41
CA GLY B 216 15.52 3.47 40.23
C GLY B 216 16.47 2.28 40.17
N ARG B 217 17.03 2.04 38.99
CA ARG B 217 18.04 1.01 38.78
C ARG B 217 19.35 1.31 39.46
N ILE B 218 19.86 2.53 39.23
CA ILE B 218 21.06 3.04 39.87
C ILE B 218 21.04 2.81 41.39
N ASP B 219 19.93 3.22 42.01
CA ASP B 219 19.71 3.11 43.45
C ASP B 219 19.70 1.68 43.98
N HIS B 220 19.35 0.72 43.13
CA HIS B 220 19.21 -0.69 43.52
C HIS B 220 20.38 -1.56 43.05
N ILE B 221 21.18 -1.06 42.12
CA ILE B 221 22.37 -1.79 41.67
C ILE B 221 23.64 -1.30 42.40
N LEU B 222 23.78 0.01 42.54
CA LEU B 222 24.96 0.61 43.16
C LEU B 222 24.73 0.82 44.65
N ASP B 223 25.82 0.87 45.42
CA ASP B 223 25.73 1.18 46.86
C ASP B 223 25.43 2.65 47.09
N GLU B 224 25.11 2.99 48.35
CA GLU B 224 24.67 4.34 48.73
C GLU B 224 25.53 5.49 48.19
N LYS B 225 26.84 5.42 48.46
CA LYS B 225 27.78 6.48 48.13
C LYS B 225 27.88 6.74 46.64
N HIS B 226 27.90 5.67 45.85
CA HIS B 226 28.06 5.76 44.40
C HIS B 226 26.77 6.11 43.68
N ALA B 227 25.65 5.60 44.19
CA ALA B 227 24.33 5.97 43.67
C ALA B 227 24.08 7.47 43.79
N GLN B 228 24.41 8.03 44.95
CA GLN B 228 24.21 9.45 45.20
C GLN B 228 25.22 10.35 44.48
N ASP B 229 26.34 9.77 44.03
CA ASP B 229 27.35 10.49 43.26
C ASP B 229 26.89 10.90 41.86
N PHE B 230 25.87 10.21 41.35
CA PHE B 230 25.24 10.55 40.07
C PHE B 230 24.49 11.90 40.14
N LYS B 231 24.16 12.33 41.36
CA LYS B 231 23.47 13.60 41.60
C LYS B 231 24.40 14.84 41.58
N LYS B 232 25.71 14.59 41.57
CA LYS B 232 26.72 15.66 41.55
C LYS B 232 26.86 16.35 40.19
N PHE B 233 26.48 15.64 39.13
CA PHE B 233 26.54 16.18 37.78
C PHE B 233 25.57 17.35 37.62
N TYR B 234 25.99 18.29 36.80
CA TYR B 234 25.13 19.33 36.32
C TYR B 234 24.69 18.88 34.96
N VAL B 235 23.48 19.25 34.57
CA VAL B 235 23.01 18.95 33.22
C VAL B 235 22.48 20.15 32.46
N ASP B 236 22.59 20.09 31.13
CA ASP B 236 21.91 21.07 30.29
C ASP B 236 20.50 20.59 29.89
N THR B 237 19.83 21.36 29.03
CA THR B 237 18.45 21.06 28.63
C THR B 237 18.37 20.62 27.16
N ALA B 238 19.49 20.18 26.60
CA ALA B 238 19.54 19.88 25.17
C ALA B 238 18.91 18.54 24.80
N ILE B 239 17.57 18.47 24.88
CA ILE B 239 16.76 17.30 24.49
C ILE B 239 15.60 17.66 23.54
N LEU B 240 15.74 18.81 22.89
CA LEU B 240 14.83 19.25 21.85
C LEU B 240 13.37 19.39 22.29
N GLY B 241 13.14 20.03 23.43
CA GLY B 241 11.79 20.27 23.90
C GLY B 241 11.47 19.45 25.14
N ASN B 242 10.34 18.75 25.10
CA ASN B 242 9.97 17.73 26.09
C ASN B 242 9.89 18.24 27.53
N THR B 243 8.84 19.00 27.83
CA THR B 243 8.64 19.56 29.15
C THR B 243 8.66 18.54 30.30
N PRO B 244 7.85 17.45 30.22
CA PRO B 244 7.91 16.52 31.36
C PRO B 244 9.24 15.81 31.58
N ALA B 245 10.04 15.65 30.53
CA ALA B 245 11.38 15.06 30.66
C ALA B 245 12.34 16.03 31.34
N LEU B 246 12.22 17.30 30.99
CA LEU B 246 12.94 18.34 31.70
C LEU B 246 12.52 18.44 33.18
N GLN B 247 11.24 18.21 33.48
CA GLN B 247 10.73 18.17 34.86
C GLN B 247 11.31 16.99 35.66
N LEU B 248 11.28 15.81 35.06
CA LEU B 248 11.95 14.62 35.60
C LEU B 248 13.42 14.92 35.95
N ALA B 249 14.15 15.56 35.02
CA ALA B 249 15.55 15.98 35.29
C ALA B 249 15.70 16.90 36.51
N ILE B 250 14.77 17.83 36.69
CA ILE B 250 14.77 18.75 37.84
C ILE B 250 14.49 17.94 39.12
N ASP B 251 13.56 17.00 39.03
CA ASP B 251 13.22 16.14 40.16
C ASP B 251 14.41 15.34 40.67
N TYR B 252 15.25 14.89 39.75
CA TYR B 252 16.46 14.13 40.11
C TYR B 252 17.63 15.01 40.55
N TYR B 253 17.99 15.98 39.71
CA TYR B 253 19.17 16.80 39.94
C TYR B 253 18.99 17.96 40.92
N GLY B 254 17.76 18.43 41.05
CA GLY B 254 17.50 19.68 41.75
C GLY B 254 17.58 20.81 40.73
N ILE B 255 16.85 21.89 41.00
CA ILE B 255 16.78 23.06 40.12
C ILE B 255 18.13 23.75 39.83
N ASP B 256 19.05 23.72 40.79
CA ASP B 256 20.33 24.41 40.68
C ASP B 256 21.34 23.69 39.78
N HIS B 257 20.98 22.50 39.30
CA HIS B 257 21.88 21.67 38.47
C HIS B 257 21.46 21.59 37.02
N VAL B 258 20.37 22.27 36.69
CA VAL B 258 19.78 22.18 35.36
C VAL B 258 19.93 23.52 34.65
N LEU B 259 20.62 23.51 33.51
CA LEU B 259 20.99 24.74 32.82
C LEU B 259 20.42 24.75 31.42
N PHE B 260 19.90 25.89 31.00
CA PHE B 260 19.51 26.09 29.61
C PHE B 260 20.69 25.79 28.68
N GLY B 261 20.39 24.99 27.67
CA GLY B 261 21.36 24.54 26.67
C GLY B 261 20.58 24.00 25.50
N THR B 262 21.11 24.16 24.29
CA THR B 262 20.32 23.85 23.09
C THR B 262 20.91 22.84 22.10
N ASP B 263 22.24 22.66 22.13
CA ASP B 263 22.97 21.91 21.10
C ASP B 263 22.97 22.69 19.76
N ALA B 264 22.94 24.02 19.84
CA ALA B 264 23.00 24.87 18.64
C ALA B 264 24.33 24.68 17.89
N PRO B 265 24.30 24.71 16.54
CA PRO B 265 23.17 24.98 15.67
C PRO B 265 22.43 23.72 15.19
N PHE B 266 22.76 22.57 15.78
CA PHE B 266 22.28 21.28 15.29
C PHE B 266 20.79 21.08 15.42
N ALA B 267 20.29 20.09 14.66
CA ALA B 267 18.93 19.55 14.75
C ALA B 267 17.83 20.44 14.21
N VAL B 268 17.87 21.73 14.53
CA VAL B 268 16.90 22.69 13.98
C VAL B 268 17.65 23.69 13.09
N MET B 269 17.34 23.65 11.80
CA MET B 269 17.91 24.58 10.83
C MET B 269 17.16 25.91 10.94
N PRO B 270 17.86 27.05 10.77
CA PRO B 270 19.30 27.14 10.49
C PRO B 270 20.22 27.26 11.71
N SER B 271 19.67 27.51 12.90
CA SER B 271 20.50 27.99 14.01
C SER B 271 20.28 27.31 15.35
N GLY B 272 19.70 26.11 15.33
CA GLY B 272 19.50 25.35 16.54
C GLY B 272 18.15 25.54 17.19
N ALA B 273 17.93 24.83 18.30
CA ALA B 273 16.60 24.65 18.87
C ALA B 273 16.26 25.61 20.00
N ASP B 274 16.76 26.83 19.93
CA ASP B 274 16.48 27.86 20.94
C ASP B 274 14.99 27.98 21.22
N GLN B 275 14.18 28.06 20.17
CA GLN B 275 12.75 28.30 20.29
C GLN B 275 11.98 27.17 21.00
N ILE B 276 12.16 25.94 20.52
CA ILE B 276 11.42 24.80 21.08
C ILE B 276 11.83 24.45 22.51
N ILE B 277 13.09 24.69 22.84
CA ILE B 277 13.60 24.42 24.19
C ILE B 277 13.14 25.51 25.19
N THR B 278 13.20 26.77 24.76
CA THR B 278 12.74 27.91 25.57
C THR B 278 11.25 27.77 25.91
N GLN B 279 10.48 27.36 24.92
CA GLN B 279 9.05 27.06 25.07
C GLN B 279 8.81 25.91 26.07
N ALA B 280 9.66 24.89 26.02
CA ALA B 280 9.52 23.71 26.90
C ALA B 280 9.87 23.99 28.35
N ILE B 281 10.80 24.92 28.56
CA ILE B 281 11.17 25.35 29.91
C ILE B 281 10.05 26.25 30.45
N ASN B 282 9.52 27.12 29.59
CA ASN B 282 8.41 28.02 29.95
C ASN B 282 7.12 27.27 30.29
N ASP B 283 6.93 26.10 29.68
CA ASP B 283 5.75 25.26 29.94
C ASP B 283 5.82 24.44 31.24
N LEU B 284 6.95 24.52 31.95
CA LEU B 284 7.12 23.80 33.22
C LEU B 284 6.28 24.39 34.35
N THR B 285 5.71 23.53 35.18
CA THR B 285 4.93 23.94 36.36
C THR B 285 5.87 24.21 37.56
N ILE B 286 6.82 25.12 37.36
CA ILE B 286 7.77 25.55 38.39
C ILE B 286 7.68 27.08 38.51
N SER B 287 8.30 27.65 39.54
CA SER B 287 8.28 29.10 39.76
C SER B 287 9.13 29.87 38.75
N ASP B 288 8.97 31.20 38.75
CA ASP B 288 9.72 32.07 37.84
C ASP B 288 11.18 32.24 38.27
N LYS B 289 11.41 32.17 39.58
CA LYS B 289 12.75 32.12 40.16
C LYS B 289 13.47 30.89 39.63
N ASP B 290 12.78 29.76 39.63
CA ASP B 290 13.29 28.48 39.16
C ASP B 290 13.61 28.48 37.66
N LYS B 291 12.73 29.08 36.86
CA LYS B 291 12.96 29.27 35.43
C LYS B 291 14.15 30.19 35.14
N GLN B 292 14.32 31.21 35.98
CA GLN B 292 15.44 32.14 35.86
C GLN B 292 16.78 31.46 36.20
N LYS B 293 16.74 30.56 37.19
CA LYS B 293 17.89 29.72 37.49
C LYS B 293 18.30 28.94 36.23
N ILE B 294 17.33 28.23 35.62
CA ILE B 294 17.60 27.44 34.40
C ILE B 294 18.13 28.30 33.24
N PHE B 295 17.43 29.39 32.95
CA PHE B 295 17.79 30.27 31.83
C PHE B 295 19.08 31.06 32.04
N HIS B 296 19.39 31.37 33.30
CA HIS B 296 20.39 32.39 33.60
C HIS B 296 21.31 32.08 34.79
N ASP B 297 20.72 31.96 35.99
CA ASP B 297 21.50 31.97 37.24
C ASP B 297 22.45 30.81 37.44
N ASN B 298 22.01 29.62 37.06
CA ASN B 298 22.77 28.38 37.26
C ASN B 298 24.08 28.35 36.53
N TYR B 299 24.10 28.90 35.32
CA TYR B 299 25.35 29.10 34.56
C TYR B 299 26.42 29.88 35.34
N TYR B 300 26.01 31.01 35.92
CA TYR B 300 26.95 31.87 36.66
C TYR B 300 27.41 31.26 37.97
N SER B 301 26.53 30.49 38.63
CA SER B 301 26.95 29.67 39.77
C SER B 301 28.01 28.65 39.34
N LEU B 302 27.78 28.00 38.20
CA LEU B 302 28.68 26.94 37.69
C LEU B 302 30.11 27.45 37.44
N ILE B 303 30.22 28.62 36.81
CA ILE B 303 31.52 29.11 36.37
C ILE B 303 32.28 29.94 37.43
N LYS B 304 31.62 30.28 38.53
CA LYS B 304 32.28 30.97 39.66
C LYS B 304 33.51 30.23 40.14
N GLU B 305 34.59 30.98 40.36
CA GLU B 305 35.91 30.39 40.54
C GLU B 305 36.40 30.47 41.98
N LEU C 3 -24.91 5.85 4.28
CA LEU C 3 -23.97 4.76 4.67
C LEU C 3 -22.87 4.51 3.62
N THR C 4 -21.94 3.61 3.96
CA THR C 4 -20.71 3.41 3.20
C THR C 4 -20.91 2.71 1.84
N LYS C 5 -20.16 3.17 0.85
CA LYS C 5 -20.16 2.57 -0.48
C LYS C 5 -19.12 1.46 -0.57
N ILE C 6 -19.51 0.33 -1.15
CA ILE C 6 -18.54 -0.72 -1.43
C ILE C 6 -18.17 -0.76 -2.93
N ASP C 7 -16.95 -0.33 -3.23
CA ASP C 7 -16.37 -0.50 -4.56
C ASP C 7 -15.91 -1.94 -4.65
N ALA C 8 -16.74 -2.76 -5.30
CA ALA C 8 -16.57 -4.22 -5.29
C ALA C 8 -15.51 -4.73 -6.26
N TYR C 9 -14.99 -3.87 -7.13
CA TYR C 9 -13.92 -4.31 -8.04
C TYR C 9 -12.82 -3.26 -8.22
N ALA C 10 -11.88 -3.25 -7.26
CA ALA C 10 -10.67 -2.42 -7.32
C ALA C 10 -9.41 -3.30 -7.34
N HIS C 11 -8.34 -2.79 -7.93
CA HIS C 11 -7.10 -3.58 -8.09
C HIS C 11 -5.94 -3.09 -7.23
N ILE C 12 -5.08 -4.02 -6.85
CA ILE C 12 -3.87 -3.71 -6.08
C ILE C 12 -2.71 -4.60 -6.52
N LEU C 13 -1.50 -4.07 -6.41
CA LEU C 13 -0.27 -4.84 -6.52
C LEU C 13 0.51 -4.67 -5.21
N PRO C 14 0.30 -5.59 -4.24
CA PRO C 14 0.90 -5.53 -2.91
C PRO C 14 2.42 -5.67 -2.96
N ALA C 15 3.10 -4.94 -2.09
CA ALA C 15 4.55 -4.70 -2.14
C ALA C 15 5.44 -5.95 -2.16
N LYS C 16 5.25 -6.85 -1.19
CA LYS C 16 6.06 -8.06 -1.08
CA LYS C 16 6.06 -8.06 -1.08
C LYS C 16 5.83 -9.03 -2.22
N TYR C 17 4.59 -9.13 -2.69
CA TYR C 17 4.22 -10.00 -3.81
C TYR C 17 4.86 -9.52 -5.11
N TYR C 18 4.82 -8.21 -5.36
CA TYR C 18 5.37 -7.63 -6.58
C TYR C 18 6.88 -7.77 -6.69
N GLN C 19 7.57 -7.57 -5.56
CA GLN C 19 9.03 -7.72 -5.51
C GLN C 19 9.47 -9.19 -5.62
N LYS C 20 8.60 -10.11 -5.19
CA LYS C 20 8.81 -11.54 -5.39
C LYS C 20 8.67 -11.93 -6.86
N MET C 21 7.74 -11.28 -7.56
CA MET C 21 7.49 -11.59 -8.98
C MET C 21 8.59 -11.04 -9.89
N LEU C 22 9.25 -9.96 -9.45
CA LEU C 22 10.41 -9.42 -10.17
C LEU C 22 11.64 -10.32 -10.04
N SER C 23 11.71 -11.07 -8.94
CA SER C 23 12.75 -12.09 -8.75
C SER C 23 12.52 -13.28 -9.66
N VAL C 24 11.25 -13.57 -9.96
CA VAL C 24 10.88 -14.60 -10.93
C VAL C 24 11.21 -14.11 -12.35
N GLU C 25 10.79 -12.90 -12.67
CA GLU C 25 11.16 -12.26 -13.93
C GLU C 25 11.13 -10.73 -13.84
N PRO C 26 12.28 -10.06 -14.10
CA PRO C 26 12.36 -8.60 -14.04
C PRO C 26 11.97 -7.89 -15.36
N ASN C 27 11.42 -8.65 -16.31
CA ASN C 27 10.90 -8.08 -17.55
C ASN C 27 9.42 -7.72 -17.45
N ILE C 28 8.88 -7.91 -16.25
CA ILE C 28 7.48 -7.57 -15.91
C ILE C 28 7.07 -6.08 -16.07
N PRO C 29 7.91 -5.11 -15.62
CA PRO C 29 7.51 -3.71 -15.88
C PRO C 29 7.48 -3.33 -17.36
N ASN C 30 8.29 -4.01 -18.18
CA ASN C 30 8.31 -3.82 -19.63
C ASN C 30 7.04 -4.34 -20.29
N MET C 31 6.66 -5.57 -19.94
CA MET C 31 5.49 -6.26 -20.51
C MET C 31 4.17 -5.62 -20.07
N PHE C 32 4.10 -5.26 -18.79
CA PHE C 32 2.90 -4.66 -18.21
C PHE C 32 3.11 -3.16 -18.02
N PRO C 33 2.52 -2.34 -18.92
CA PRO C 33 2.77 -0.89 -18.94
C PRO C 33 2.03 -0.11 -17.85
N PHE C 34 1.06 -0.74 -17.21
CA PHE C 34 0.22 -0.10 -16.19
C PHE C 34 0.85 -0.05 -14.79
N ILE C 35 2.12 -0.41 -14.71
CA ILE C 35 2.94 -0.29 -13.50
C ILE C 35 3.14 1.19 -13.13
N LYS C 36 3.09 2.04 -14.15
CA LYS C 36 3.07 3.51 -14.05
C LYS C 36 2.25 4.08 -12.88
N ILE C 37 1.05 3.55 -12.69
CA ILE C 37 0.13 4.02 -11.64
C ILE C 37 0.69 3.72 -10.25
N LYS C 38 0.96 4.79 -9.50
CA LYS C 38 1.61 4.65 -8.21
C LYS C 38 0.69 4.21 -7.06
N THR C 39 -0.61 4.51 -7.15
CA THR C 39 -1.59 4.06 -6.16
CA THR C 39 -1.56 4.05 -6.13
C THR C 39 -1.89 2.55 -6.27
N LEU C 40 -1.46 1.95 -7.37
CA LEU C 40 -1.58 0.51 -7.59
C LEU C 40 -0.51 -0.26 -6.80
N MET C 41 0.67 0.34 -6.72
CA MET C 41 1.85 -0.37 -6.22
C MET C 41 2.29 0.09 -4.85
N ASP C 42 1.99 1.35 -4.54
CA ASP C 42 2.42 2.01 -3.33
C ASP C 42 1.21 2.23 -2.46
N LEU C 43 1.10 1.44 -1.38
CA LEU C 43 -0.06 1.47 -0.49
C LEU C 43 -0.24 2.82 0.19
N ASP C 44 0.87 3.42 0.60
CA ASP C 44 0.87 4.73 1.24
CA ASP C 44 0.86 4.73 1.24
C ASP C 44 0.29 5.81 0.30
N GLU C 45 0.66 5.74 -0.98
CA GLU C 45 0.13 6.62 -2.02
C GLU C 45 -1.38 6.42 -2.19
N ARG C 46 -1.79 5.14 -2.18
CA ARG C 46 -3.20 4.74 -2.29
C ARG C 46 -4.06 5.33 -1.17
N LEU C 47 -3.55 5.29 0.04
CA LEU C 47 -4.29 5.74 1.21
C LEU C 47 -4.29 7.26 1.35
N THR C 48 -3.19 7.88 0.91
CA THR C 48 -3.05 9.34 0.89
C THR C 48 -3.99 9.94 -0.16
N LYS C 49 -3.99 9.34 -1.35
CA LYS C 49 -4.81 9.82 -2.47
C LYS C 49 -6.18 9.14 -2.54
N TRP C 50 -6.64 8.59 -1.41
CA TRP C 50 -7.91 7.86 -1.33
C TRP C 50 -9.08 8.67 -1.92
N PRO C 51 -9.78 8.08 -2.92
CA PRO C 51 -10.73 8.83 -3.77
C PRO C 51 -11.97 9.38 -3.04
N ASP C 52 -12.47 8.63 -2.05
CA ASP C 52 -13.70 9.01 -1.35
C ASP C 52 -13.73 8.36 0.04
N GLN C 53 -14.11 9.13 1.05
CA GLN C 53 -14.07 8.65 2.42
C GLN C 53 -15.28 7.79 2.80
N ASN C 54 -16.31 7.81 1.96
CA ASN C 54 -17.43 6.87 2.09
C ASN C 54 -17.22 5.59 1.29
N THR C 55 -16.09 5.50 0.63
CA THR C 55 -15.74 4.34 -0.18
C THR C 55 -14.85 3.37 0.57
N LYS C 56 -15.31 2.12 0.66
CA LYS C 56 -14.45 1.00 1.00
C LYS C 56 -14.26 0.12 -0.24
N GLN C 57 -13.03 -0.32 -0.46
CA GLN C 57 -12.66 -1.09 -1.66
C GLN C 57 -12.51 -2.60 -1.40
N VAL C 58 -12.98 -3.40 -2.36
CA VAL C 58 -12.70 -4.84 -2.38
C VAL C 58 -11.55 -5.04 -3.34
N ILE C 59 -10.39 -5.39 -2.81
CA ILE C 59 -9.18 -5.42 -3.61
C ILE C 59 -8.87 -6.78 -4.21
N SER C 60 -8.56 -6.78 -5.50
CA SER C 60 -8.06 -7.97 -6.17
C SER C 60 -6.71 -7.67 -6.80
N LEU C 61 -5.99 -8.71 -7.21
CA LEU C 61 -4.74 -8.51 -7.93
C LEU C 61 -5.00 -8.11 -9.38
N ALA C 62 -4.14 -7.27 -9.94
CA ALA C 62 -4.08 -7.08 -11.40
C ALA C 62 -3.46 -8.33 -12.03
N ASN C 63 -3.67 -8.54 -13.34
CA ASN C 63 -3.22 -9.77 -13.99
CA ASN C 63 -3.23 -9.76 -14.01
C ASN C 63 -1.72 -9.92 -14.14
N ILE C 64 -1.07 -10.23 -13.03
CA ILE C 64 0.32 -10.63 -12.97
C ILE C 64 0.24 -11.88 -12.10
N SER C 65 0.24 -13.02 -12.76
CA SER C 65 -0.08 -14.29 -12.11
C SER C 65 1.07 -15.28 -12.25
N PRO C 66 1.43 -15.96 -11.14
CA PRO C 66 2.54 -16.93 -11.08
C PRO C 66 2.31 -18.18 -11.94
N GLU C 67 1.14 -18.32 -12.53
CA GLU C 67 0.86 -19.41 -13.48
C GLU C 67 1.47 -19.10 -14.85
N ASP C 68 1.68 -17.81 -15.13
CA ASP C 68 2.24 -17.38 -16.41
C ASP C 68 3.76 -17.25 -16.34
N PHE C 69 4.35 -17.63 -15.21
CA PHE C 69 5.78 -17.40 -14.93
C PHE C 69 6.52 -18.58 -14.29
N THR C 70 5.80 -19.46 -13.59
CA THR C 70 6.40 -20.62 -12.91
C THR C 70 5.57 -21.90 -13.01
N ASP C 71 6.11 -22.99 -12.47
CA ASP C 71 5.45 -24.30 -12.47
C ASP C 71 4.34 -24.41 -11.42
N SER C 72 3.57 -25.50 -11.46
CA SER C 72 2.34 -25.62 -10.66
C SER C 72 2.52 -25.62 -9.14
N LYS C 73 3.71 -26.01 -8.66
CA LYS C 73 3.99 -26.07 -7.23
C LYS C 73 4.48 -24.73 -6.67
N THR C 74 5.38 -24.08 -7.41
CA THR C 74 5.89 -22.73 -7.08
C THR C 74 4.78 -21.68 -7.11
N SER C 75 3.95 -21.75 -8.15
CA SER C 75 2.78 -20.89 -8.33
C SER C 75 1.78 -21.01 -7.18
N ALA C 76 1.58 -22.25 -6.69
CA ALA C 76 0.67 -22.52 -5.57
C ALA C 76 1.14 -21.84 -4.29
N GLU C 77 2.46 -21.85 -4.08
CA GLU C 77 3.08 -21.22 -2.92
C GLU C 77 3.12 -19.70 -3.06
N LEU C 78 3.25 -19.23 -4.30
CA LEU C 78 3.24 -17.79 -4.59
C LEU C 78 1.83 -17.19 -4.51
N CYS C 79 0.83 -18.00 -4.84
CA CYS C 79 -0.59 -17.61 -4.72
C CYS C 79 -1.03 -17.60 -3.26
N GLN C 80 -0.62 -18.63 -2.51
CA GLN C 80 -0.88 -18.74 -1.08
C GLN C 80 -0.32 -17.54 -0.31
N SER C 81 0.90 -17.17 -0.64
CA SER C 81 1.60 -16.03 -0.03
C SER C 81 1.01 -14.68 -0.45
N ALA C 82 0.46 -14.62 -1.66
CA ALA C 82 -0.22 -13.40 -2.14
C ALA C 82 -1.52 -13.18 -1.39
N ASN C 83 -2.25 -14.28 -1.16
CA ASN C 83 -3.52 -14.23 -0.45
C ASN C 83 -3.35 -13.90 1.04
N GLU C 84 -2.25 -14.38 1.61
CA GLU C 84 -1.81 -14.02 2.96
C GLU C 84 -1.62 -12.51 3.07
N GLU C 85 -0.92 -11.94 2.10
CA GLU C 85 -0.65 -10.51 2.05
C GLU C 85 -1.95 -9.71 1.88
N LEU C 86 -2.83 -10.21 1.01
CA LEU C 86 -4.13 -9.59 0.73
C LEU C 86 -5.02 -9.58 1.98
N SER C 87 -5.12 -10.73 2.64
CA SER C 87 -5.81 -10.86 3.93
C SER C 87 -5.25 -9.88 4.96
N ASN C 88 -3.93 -9.76 5.00
CA ASN C 88 -3.25 -8.84 5.91
C ASN C 88 -3.58 -7.37 5.70
N LEU C 89 -3.62 -6.93 4.44
CA LEU C 89 -4.01 -5.53 4.12
C LEU C 89 -5.42 -5.18 4.58
N VAL C 90 -6.32 -6.16 4.53
CA VAL C 90 -7.69 -5.98 5.00
C VAL C 90 -7.71 -5.94 6.52
N ASP C 91 -6.97 -6.85 7.15
CA ASP C 91 -6.80 -6.85 8.62
C ASP C 91 -6.21 -5.54 9.15
N GLN C 92 -5.18 -5.02 8.47
CA GLN C 92 -4.47 -3.82 8.90
C GLN C 92 -5.14 -2.50 8.52
N HIS C 93 -5.98 -2.53 7.48
CA HIS C 93 -6.67 -1.31 7.03
C HIS C 93 -8.19 -1.54 6.86
N PRO C 94 -8.90 -1.82 7.97
CA PRO C 94 -10.27 -2.27 7.82
C PRO C 94 -11.27 -1.12 7.59
N GLY C 95 -10.78 0.12 7.66
CA GLY C 95 -11.61 1.28 7.36
C GLY C 95 -11.56 1.63 5.89
N LYS C 96 -10.58 1.04 5.17
CA LYS C 96 -10.38 1.30 3.75
C LYS C 96 -10.73 0.09 2.87
N PHE C 97 -10.32 -1.10 3.31
CA PHE C 97 -10.61 -2.30 2.55
C PHE C 97 -11.69 -3.12 3.22
N ALA C 98 -12.80 -3.32 2.50
CA ALA C 98 -13.92 -4.11 3.01
C ALA C 98 -13.67 -5.61 2.85
N GLY C 99 -12.64 -5.95 2.07
CA GLY C 99 -12.26 -7.33 1.87
C GLY C 99 -11.31 -7.48 0.71
N ALA C 100 -10.86 -8.71 0.49
CA ALA C 100 -9.97 -9.01 -0.64
C ALA C 100 -10.43 -10.21 -1.44
N VAL C 101 -10.11 -10.19 -2.73
CA VAL C 101 -10.45 -11.26 -3.64
C VAL C 101 -9.15 -12.00 -3.93
N ALA C 102 -9.19 -13.33 -3.81
CA ALA C 102 -7.96 -14.13 -3.81
C ALA C 102 -7.52 -14.57 -5.21
N ILE C 103 -6.22 -14.71 -5.40
CA ILE C 103 -5.68 -15.31 -6.63
C ILE C 103 -5.75 -16.83 -6.58
N LEU C 104 -6.18 -17.42 -7.70
CA LEU C 104 -6.22 -18.87 -7.88
C LEU C 104 -5.01 -19.33 -8.70
N PRO C 105 -4.36 -20.45 -8.30
CA PRO C 105 -3.31 -21.05 -9.12
C PRO C 105 -3.91 -22.08 -10.09
N MET C 106 -4.20 -21.64 -11.31
CA MET C 106 -5.00 -22.48 -12.23
C MET C 106 -4.21 -23.53 -13.02
N ASN C 107 -2.90 -23.57 -12.81
CA ASN C 107 -2.06 -24.71 -13.21
C ASN C 107 -2.12 -25.87 -12.19
N ASN C 108 -2.76 -25.61 -11.06
CA ASN C 108 -2.87 -26.56 -9.97
C ASN C 108 -4.31 -26.64 -9.47
N ILE C 109 -5.08 -27.56 -10.05
CA ILE C 109 -6.52 -27.69 -9.79
C ILE C 109 -6.84 -28.08 -8.34
N GLU C 110 -6.07 -29.01 -7.78
CA GLU C 110 -6.25 -29.44 -6.39
C GLU C 110 -5.96 -28.29 -5.41
N SER C 111 -4.86 -27.58 -5.65
CA SER C 111 -4.49 -26.40 -4.87
C SER C 111 -5.46 -25.23 -5.04
N ALA C 112 -6.03 -25.09 -6.25
CA ALA C 112 -7.02 -24.05 -6.52
C ALA C 112 -8.29 -24.31 -5.73
N CYS C 113 -8.65 -25.59 -5.59
CA CYS C 113 -9.74 -26.02 -4.72
C CYS C 113 -9.47 -25.74 -3.24
N LYS C 114 -8.22 -25.84 -2.82
CA LYS C 114 -7.79 -25.53 -1.44
C LYS C 114 -8.00 -24.04 -1.15
N VAL C 115 -7.63 -23.21 -2.13
CA VAL C 115 -7.83 -21.76 -2.05
C VAL C 115 -9.32 -21.44 -1.89
N ILE C 116 -10.17 -22.08 -2.71
CA ILE C 116 -11.63 -21.94 -2.59
C ILE C 116 -12.16 -22.37 -1.21
N SER C 117 -11.57 -23.44 -0.67
CA SER C 117 -11.92 -23.94 0.68
C SER C 117 -11.52 -22.96 1.78
N SER C 118 -10.34 -22.33 1.63
CA SER C 118 -9.78 -21.45 2.64
C SER C 118 -10.42 -20.05 2.73
N ILE C 119 -11.38 -19.77 1.85
CA ILE C 119 -12.04 -18.46 1.82
CA ILE C 119 -12.07 -18.47 1.79
C ILE C 119 -13.07 -18.31 2.95
N LYS C 120 -13.78 -19.39 3.31
CA LYS C 120 -14.72 -19.36 4.43
CA LYS C 120 -14.72 -19.35 4.42
C LYS C 120 -14.03 -19.37 5.78
N ASP C 121 -12.78 -19.79 5.81
CA ASP C 121 -11.99 -19.79 7.05
C ASP C 121 -11.24 -18.46 7.26
N ASP C 122 -11.15 -17.66 6.21
CA ASP C 122 -10.49 -16.37 6.27
C ASP C 122 -11.54 -15.27 6.04
N GLU C 123 -11.92 -14.60 7.12
CA GLU C 123 -12.97 -13.59 7.11
C GLU C 123 -12.64 -12.39 6.20
N ASN C 124 -11.35 -12.21 5.92
CA ASN C 124 -10.86 -11.10 5.11
C ASN C 124 -10.88 -11.40 3.62
N LEU C 125 -10.91 -12.69 3.29
CA LEU C 125 -11.00 -13.14 1.90
C LEU C 125 -12.46 -13.39 1.57
N VAL C 126 -12.92 -12.74 0.51
CA VAL C 126 -14.34 -12.63 0.23
C VAL C 126 -14.71 -13.33 -1.09
N GLY C 127 -13.69 -13.65 -1.87
CA GLY C 127 -13.92 -14.34 -3.12
C GLY C 127 -12.61 -14.74 -3.75
N ALA C 128 -12.69 -15.17 -4.99
CA ALA C 128 -11.53 -15.60 -5.76
C ALA C 128 -11.67 -15.08 -7.18
N GLN C 129 -10.54 -14.76 -7.79
CA GLN C 129 -10.57 -14.13 -9.09
C GLN C 129 -10.32 -15.14 -10.20
N ILE C 130 -11.30 -15.23 -11.10
CA ILE C 130 -11.13 -15.96 -12.35
C ILE C 130 -10.89 -14.96 -13.48
N PHE C 131 -10.07 -15.37 -14.44
CA PHE C 131 -9.86 -14.58 -15.65
C PHE C 131 -10.63 -15.20 -16.81
N THR C 132 -10.78 -14.46 -17.89
CA THR C 132 -11.52 -14.92 -19.06
C THR C 132 -10.78 -16.07 -19.74
N ARG C 133 -9.45 -16.00 -19.69
CA ARG C 133 -8.60 -17.10 -20.12
C ARG C 133 -7.52 -17.43 -19.10
N HIS C 134 -7.19 -18.71 -19.00
CA HIS C 134 -6.06 -19.18 -18.19
C HIS C 134 -5.20 -20.13 -19.02
N LEU C 135 -3.90 -19.86 -19.05
CA LEU C 135 -2.90 -20.68 -19.76
C LEU C 135 -3.24 -20.96 -21.23
N GLY C 136 -3.74 -19.93 -21.92
CA GLY C 136 -4.14 -20.04 -23.32
C GLY C 136 -5.39 -20.85 -23.56
N LYS C 137 -6.14 -21.11 -22.49
CA LYS C 137 -7.40 -21.86 -22.57
C LYS C 137 -8.52 -21.02 -21.97
N SER C 138 -9.74 -21.24 -22.44
CA SER C 138 -10.91 -20.57 -21.89
C SER C 138 -11.19 -21.02 -20.46
N ILE C 139 -11.75 -20.11 -19.66
CA ILE C 139 -12.23 -20.41 -18.30
C ILE C 139 -13.31 -21.51 -18.32
N ALA C 140 -13.93 -21.67 -19.49
CA ALA C 140 -15.00 -22.64 -19.71
C ALA C 140 -14.52 -24.05 -20.00
N ASP C 141 -13.21 -24.22 -20.14
CA ASP C 141 -12.63 -25.53 -20.37
C ASP C 141 -12.88 -26.44 -19.17
N LYS C 142 -13.19 -27.72 -19.46
CA LYS C 142 -13.46 -28.76 -18.46
C LYS C 142 -12.36 -28.96 -17.42
N GLU C 143 -11.14 -28.56 -17.77
CA GLU C 143 -9.97 -28.58 -16.88
C GLU C 143 -10.18 -27.67 -15.67
N PHE C 144 -10.77 -26.50 -15.89
CA PHE C 144 -10.98 -25.50 -14.83
C PHE C 144 -12.33 -25.68 -14.14
N ARG C 145 -13.15 -26.57 -14.68
CA ARG C 145 -14.49 -26.86 -14.17
C ARG C 145 -14.61 -27.38 -12.71
N PRO C 146 -13.63 -28.20 -12.21
CA PRO C 146 -13.69 -28.57 -10.77
C PRO C 146 -13.61 -27.37 -9.80
N VAL C 147 -12.73 -26.42 -10.11
CA VAL C 147 -12.59 -25.17 -9.36
C VAL C 147 -13.89 -24.39 -9.25
N LEU C 148 -14.61 -24.29 -10.37
CA LEU C 148 -15.89 -23.59 -10.43
C LEU C 148 -16.99 -24.35 -9.70
N ALA C 149 -16.90 -25.68 -9.73
CA ALA C 149 -17.81 -26.55 -8.97
C ALA C 149 -17.62 -26.38 -7.47
N GLN C 150 -16.36 -26.30 -7.06
CA GLN C 150 -15.98 -26.07 -5.67
C GLN C 150 -16.55 -24.75 -5.15
N ALA C 151 -16.45 -23.71 -5.98
CA ALA C 151 -17.01 -22.41 -5.66
C ALA C 151 -18.52 -22.48 -5.52
N ALA C 152 -19.18 -23.21 -6.41
CA ALA C 152 -20.64 -23.36 -6.38
C ALA C 152 -21.10 -24.14 -5.16
N LYS C 153 -20.38 -25.22 -4.86
CA LYS C 153 -20.69 -26.10 -3.72
C LYS C 153 -20.57 -25.34 -2.41
N LEU C 154 -19.46 -24.64 -2.23
CA LEU C 154 -19.16 -23.95 -0.99
C LEU C 154 -19.72 -22.54 -0.89
N HIS C 155 -20.47 -22.13 -1.93
CA HIS C 155 -21.07 -20.80 -2.04
C HIS C 155 -20.04 -19.64 -1.96
N VAL C 156 -18.93 -19.81 -2.67
CA VAL C 156 -17.90 -18.77 -2.79
C VAL C 156 -18.10 -18.00 -4.10
N PRO C 157 -18.43 -16.70 -4.00
CA PRO C 157 -18.55 -15.83 -5.17
C PRO C 157 -17.23 -15.63 -5.92
N LEU C 158 -17.31 -15.51 -7.25
CA LEU C 158 -16.15 -15.36 -8.10
C LEU C 158 -16.17 -14.04 -8.87
N TRP C 159 -14.98 -13.47 -9.03
CA TRP C 159 -14.80 -12.20 -9.73
C TRP C 159 -14.14 -12.54 -11.07
N MET C 160 -14.77 -12.16 -12.18
CA MET C 160 -14.20 -12.46 -13.51
C MET C 160 -13.61 -11.23 -14.20
N HIS C 161 -12.34 -11.34 -14.58
CA HIS C 161 -11.58 -10.22 -15.14
C HIS C 161 -11.00 -10.53 -16.51
N PRO C 162 -11.12 -9.58 -17.46
CA PRO C 162 -10.55 -9.81 -18.78
C PRO C 162 -9.04 -9.92 -18.84
N VAL C 163 -8.57 -10.55 -19.90
CA VAL C 163 -7.15 -10.63 -20.24
C VAL C 163 -7.11 -10.72 -21.78
N PHE C 164 -6.05 -10.20 -22.40
CA PHE C 164 -5.89 -10.31 -23.85
C PHE C 164 -5.72 -11.77 -24.29
N ASP C 165 -6.38 -12.13 -25.38
CA ASP C 165 -6.11 -13.37 -26.08
C ASP C 165 -5.04 -13.04 -27.12
N ALA C 166 -3.84 -13.59 -26.92
CA ALA C 166 -2.70 -13.32 -27.78
C ALA C 166 -2.84 -13.91 -29.18
N ARG C 167 -3.76 -14.86 -29.32
CA ARG C 167 -4.11 -15.46 -30.61
C ARG C 167 -4.94 -14.52 -31.49
N LYS C 168 -5.63 -13.55 -30.87
CA LYS C 168 -6.43 -12.56 -31.60
C LYS C 168 -5.58 -11.34 -31.94
N PRO C 169 -5.37 -11.07 -33.24
CA PRO C 169 -4.68 -9.84 -33.68
C PRO C 169 -5.49 -8.58 -33.39
N ASP C 170 -4.80 -7.44 -33.36
CA ASP C 170 -5.38 -6.10 -33.13
C ASP C 170 -6.03 -5.92 -31.77
N ASN C 171 -5.39 -6.47 -30.74
CA ASN C 171 -5.82 -6.24 -29.36
C ASN C 171 -5.55 -4.82 -28.91
N ASN C 172 -6.56 -4.20 -28.31
CA ASN C 172 -6.45 -2.83 -27.81
C ASN C 172 -7.16 -2.62 -26.48
N LEU C 173 -6.91 -1.46 -25.87
CA LEU C 173 -7.50 -1.14 -24.58
C LEU C 173 -8.97 -0.72 -24.66
N VAL C 174 -9.44 -0.36 -25.85
CA VAL C 174 -10.80 0.14 -26.05
C VAL C 174 -11.87 -0.97 -26.02
N PHE C 175 -11.75 -1.98 -26.88
CA PHE C 175 -12.81 -2.96 -27.11
C PHE C 175 -12.44 -4.39 -26.76
N SER C 176 -11.17 -4.73 -26.91
CA SER C 176 -10.72 -6.14 -26.88
C SER C 176 -10.98 -6.89 -25.57
N TRP C 177 -10.87 -6.21 -24.45
CA TRP C 177 -11.14 -6.82 -23.14
C TRP C 177 -12.61 -7.13 -22.95
N GLU C 178 -13.45 -6.29 -23.53
CA GLU C 178 -14.87 -6.41 -23.37
C GLU C 178 -15.42 -7.50 -24.29
N TYR C 179 -14.72 -7.74 -25.39
CA TYR C 179 -15.00 -8.90 -26.25
C TYR C 179 -14.65 -10.21 -25.54
N GLU C 180 -13.52 -10.24 -24.84
CA GLU C 180 -13.08 -11.43 -24.12
C GLU C 180 -14.05 -11.85 -23.01
N LEU C 181 -14.58 -10.87 -22.30
CA LEU C 181 -15.60 -11.10 -21.29
C LEU C 181 -16.88 -11.70 -21.87
N SER C 182 -17.27 -11.20 -23.05
CA SER C 182 -18.47 -11.70 -23.72
C SER C 182 -18.24 -13.12 -24.21
N GLN C 183 -17.05 -13.35 -24.79
CA GLN C 183 -16.64 -14.67 -25.25
C GLN C 183 -16.67 -15.69 -24.10
N ALA C 184 -16.05 -15.32 -22.98
CA ALA C 184 -15.99 -16.19 -21.79
C ALA C 184 -17.38 -16.50 -21.24
N MET C 185 -18.22 -15.48 -21.11
CA MET C 185 -19.60 -15.68 -20.68
C MET C 185 -20.34 -16.62 -21.63
N LEU C 186 -20.15 -16.44 -22.94
CA LEU C 186 -20.76 -17.32 -23.93
C LEU C 186 -20.27 -18.77 -23.84
N GLN C 187 -18.96 -18.95 -23.81
CA GLN C 187 -18.33 -20.25 -23.69
C GLN C 187 -18.74 -20.98 -22.40
N LEU C 188 -18.85 -20.23 -21.32
CA LEU C 188 -19.30 -20.79 -20.03
C LEU C 188 -20.77 -21.20 -20.07
N VAL C 189 -21.62 -20.35 -20.64
CA VAL C 189 -23.05 -20.63 -20.74
C VAL C 189 -23.32 -21.86 -21.64
N GLN C 190 -22.65 -21.93 -22.79
CA GLN C 190 -22.88 -23.03 -23.73
C GLN C 190 -22.18 -24.33 -23.32
N SER C 191 -21.35 -24.27 -22.27
CA SER C 191 -20.80 -25.47 -21.66
C SER C 191 -21.60 -25.87 -20.39
N ASP C 192 -22.85 -25.42 -20.35
CA ASP C 192 -23.85 -25.78 -19.34
C ASP C 192 -23.54 -25.43 -17.88
N LEU C 193 -22.74 -24.39 -17.67
CA LEU C 193 -22.30 -24.00 -16.32
C LEU C 193 -23.46 -23.67 -15.38
N PHE C 194 -24.38 -22.81 -15.81
CA PHE C 194 -25.58 -22.50 -15.01
C PHE C 194 -26.71 -23.52 -15.14
N GLN C 195 -26.50 -24.55 -15.97
CA GLN C 195 -27.42 -25.68 -16.08
C GLN C 195 -27.07 -26.73 -15.02
N ASP C 196 -25.77 -26.99 -14.85
CA ASP C 196 -25.25 -27.84 -13.78
C ASP C 196 -25.17 -27.12 -12.43
N TYR C 197 -24.77 -25.85 -12.44
CA TYR C 197 -24.59 -25.09 -11.22
C TYR C 197 -25.34 -23.75 -11.25
N PRO C 198 -26.70 -23.78 -11.24
CA PRO C 198 -27.47 -22.52 -11.27
C PRO C 198 -27.31 -21.52 -10.12
N ASN C 199 -26.66 -21.93 -9.02
CA ASN C 199 -26.48 -21.06 -7.85
C ASN C 199 -25.11 -20.40 -7.71
N LEU C 200 -24.19 -20.76 -8.61
CA LEU C 200 -22.85 -20.19 -8.62
C LEU C 200 -22.89 -18.69 -8.89
N LYS C 201 -22.16 -17.93 -8.07
CA LYS C 201 -22.06 -16.49 -8.20
CA LYS C 201 -22.06 -16.48 -8.21
C LYS C 201 -20.77 -16.09 -8.92
N ILE C 202 -20.92 -15.38 -10.03
CA ILE C 202 -19.78 -14.81 -10.75
C ILE C 202 -20.05 -13.32 -10.95
N LEU C 203 -19.19 -12.49 -10.38
CA LEU C 203 -19.23 -11.06 -10.61
C LEU C 203 -18.39 -10.72 -11.83
N VAL C 204 -19.06 -10.17 -12.84
CA VAL C 204 -18.41 -9.84 -14.11
C VAL C 204 -18.07 -8.35 -14.15
N HIS C 205 -16.83 -8.07 -14.52
CA HIS C 205 -16.32 -6.71 -14.67
C HIS C 205 -16.95 -6.02 -15.89
N HIS C 206 -17.11 -4.70 -15.81
CA HIS C 206 -17.54 -3.87 -16.94
C HIS C 206 -19.01 -4.01 -17.32
N ALA C 207 -19.88 -4.06 -16.31
CA ALA C 207 -21.33 -4.10 -16.51
C ALA C 207 -21.85 -5.18 -17.46
N GLY C 208 -21.16 -6.32 -17.50
CA GLY C 208 -21.58 -7.47 -18.32
C GLY C 208 -21.20 -7.39 -19.77
N ALA C 209 -20.31 -6.46 -20.08
CA ALA C 209 -19.74 -6.28 -21.42
C ALA C 209 -20.81 -6.12 -22.52
N MET C 210 -20.77 -6.98 -23.54
CA MET C 210 -21.66 -6.83 -24.72
C MET C 210 -23.07 -7.37 -24.52
N VAL C 211 -23.27 -8.12 -23.44
CA VAL C 211 -24.53 -8.84 -23.20
C VAL C 211 -25.82 -7.97 -23.18
N PRO C 212 -25.87 -6.91 -22.33
CA PRO C 212 -27.13 -6.14 -22.28
C PRO C 212 -27.58 -5.45 -23.59
N PHE C 213 -26.63 -5.01 -24.42
CA PHE C 213 -26.94 -4.33 -25.68
C PHE C 213 -27.30 -5.35 -26.76
N PHE C 214 -26.65 -6.51 -26.72
CA PHE C 214 -26.86 -7.55 -27.71
C PHE C 214 -27.66 -8.75 -27.21
N SER C 215 -28.61 -8.50 -26.31
CA SER C 215 -29.46 -9.54 -25.75
C SER C 215 -30.46 -10.08 -26.78
N GLY C 216 -30.84 -9.24 -27.73
CA GLY C 216 -31.70 -9.66 -28.85
C GLY C 216 -31.05 -10.72 -29.69
N ARG C 217 -29.75 -10.58 -29.90
CA ARG C 217 -28.94 -11.59 -30.59
C ARG C 217 -28.88 -12.89 -29.81
N ILE C 218 -28.48 -12.81 -28.54
CA ILE C 218 -28.45 -13.98 -27.63
C ILE C 218 -29.74 -14.80 -27.70
N ASP C 219 -30.88 -14.14 -27.49
CA ASP C 219 -32.21 -14.76 -27.48
C ASP C 219 -32.60 -15.45 -28.79
N HIS C 220 -32.18 -14.88 -29.92
CA HIS C 220 -32.51 -15.43 -31.24
C HIS C 220 -31.50 -16.43 -31.80
N ILE C 221 -30.33 -16.53 -31.17
CA ILE C 221 -29.30 -17.49 -31.62
C ILE C 221 -29.21 -18.74 -30.70
N LEU C 222 -29.38 -18.52 -29.40
CA LEU C 222 -29.33 -19.59 -28.40
C LEU C 222 -30.73 -20.02 -28.01
N ASP C 223 -30.88 -21.26 -27.54
CA ASP C 223 -32.19 -21.76 -27.09
C ASP C 223 -32.66 -21.08 -25.78
N GLU C 224 -33.91 -21.33 -25.40
CA GLU C 224 -34.54 -20.68 -24.24
C GLU C 224 -33.75 -20.84 -22.94
N LYS C 225 -33.27 -22.07 -22.67
CA LYS C 225 -32.53 -22.37 -21.44
C LYS C 225 -31.24 -21.57 -21.34
N HIS C 226 -30.48 -21.54 -22.43
CA HIS C 226 -29.16 -20.94 -22.42
C HIS C 226 -29.17 -19.42 -22.53
N ALA C 227 -30.21 -18.85 -23.14
CA ALA C 227 -30.34 -17.38 -23.24
C ALA C 227 -30.67 -16.73 -21.90
N GLN C 228 -31.42 -17.43 -21.06
CA GLN C 228 -31.77 -16.90 -19.73
C GLN C 228 -30.63 -17.15 -18.73
N ASP C 229 -29.72 -18.07 -19.06
CA ASP C 229 -28.52 -18.33 -18.26
C ASP C 229 -27.59 -17.12 -18.16
N PHE C 230 -27.57 -16.28 -19.19
CA PHE C 230 -26.79 -15.05 -19.19
C PHE C 230 -27.22 -14.07 -18.10
N LYS C 231 -28.48 -14.17 -17.68
CA LYS C 231 -29.03 -13.33 -16.62
C LYS C 231 -28.60 -13.77 -15.20
N LYS C 232 -27.91 -14.90 -15.12
CA LYS C 232 -27.46 -15.43 -13.83
C LYS C 232 -26.22 -14.70 -13.29
N PHE C 233 -25.44 -14.12 -14.21
CA PHE C 233 -24.23 -13.38 -13.88
C PHE C 233 -24.56 -12.12 -13.08
N TYR C 234 -23.67 -11.77 -12.16
CA TYR C 234 -23.70 -10.48 -11.48
C TYR C 234 -22.75 -9.56 -12.23
N VAL C 235 -22.99 -8.25 -12.17
CA VAL C 235 -22.11 -7.31 -12.88
C VAL C 235 -21.75 -6.07 -12.05
N ASP C 236 -20.57 -5.52 -12.27
CA ASP C 236 -20.22 -4.26 -11.62
C ASP C 236 -20.54 -3.05 -12.51
N THR C 237 -20.31 -1.84 -11.99
CA THR C 237 -20.61 -0.61 -12.74
C THR C 237 -19.38 0.02 -13.39
N ALA C 238 -18.32 -0.76 -13.59
CA ALA C 238 -17.05 -0.23 -14.05
C ALA C 238 -17.01 0.02 -15.55
N ILE C 239 -17.87 0.92 -16.02
CA ILE C 239 -17.86 1.35 -17.41
C ILE C 239 -17.60 2.86 -17.57
N LEU C 240 -16.93 3.45 -16.58
CA LEU C 240 -16.49 4.87 -16.60
C LEU C 240 -17.62 5.86 -16.81
N GLY C 241 -18.66 5.79 -15.97
CA GLY C 241 -19.81 6.66 -16.11
C GLY C 241 -20.93 5.99 -16.87
N ASN C 242 -21.52 6.73 -17.81
CA ASN C 242 -22.54 6.25 -18.74
C ASN C 242 -23.83 5.80 -18.07
N THR C 243 -24.63 6.77 -17.63
CA THR C 243 -25.91 6.53 -16.94
C THR C 243 -26.92 5.67 -17.72
N PRO C 244 -27.24 6.05 -19.00
CA PRO C 244 -28.18 5.19 -19.72
C PRO C 244 -27.68 3.77 -20.00
N ALA C 245 -26.36 3.58 -20.07
CA ALA C 245 -25.77 2.24 -20.20
C ALA C 245 -25.87 1.46 -18.89
N LEU C 246 -25.81 2.18 -17.76
CA LEU C 246 -26.05 1.56 -16.47
C LEU C 246 -27.53 1.18 -16.32
N GLN C 247 -28.41 1.97 -16.94
CA GLN C 247 -29.83 1.64 -16.93
C GLN C 247 -30.11 0.39 -17.77
N LEU C 248 -29.52 0.34 -18.96
CA LEU C 248 -29.61 -0.84 -19.82
C LEU C 248 -29.18 -2.13 -19.10
N ALA C 249 -28.08 -2.03 -18.37
CA ALA C 249 -27.62 -3.10 -17.49
C ALA C 249 -28.65 -3.49 -16.43
N ILE C 250 -29.30 -2.50 -15.82
CA ILE C 250 -30.31 -2.74 -14.78
C ILE C 250 -31.57 -3.40 -15.38
N ASP C 251 -32.02 -2.87 -16.52
CA ASP C 251 -33.10 -3.44 -17.32
C ASP C 251 -32.89 -4.91 -17.68
N TYR C 252 -31.64 -5.27 -17.99
CA TYR C 252 -31.34 -6.64 -18.34
C TYR C 252 -31.16 -7.57 -17.15
N TYR C 253 -30.29 -7.18 -16.21
CA TYR C 253 -29.85 -8.07 -15.14
C TYR C 253 -30.74 -8.04 -13.91
N GLY C 254 -31.55 -7.00 -13.80
CA GLY C 254 -32.28 -6.75 -12.56
C GLY C 254 -31.41 -5.92 -11.62
N ILE C 255 -32.08 -5.05 -10.86
CA ILE C 255 -31.44 -4.21 -9.85
C ILE C 255 -30.57 -4.97 -8.82
N ASP C 256 -30.94 -6.20 -8.51
CA ASP C 256 -30.25 -6.99 -7.49
C ASP C 256 -28.95 -7.60 -8.00
N HIS C 257 -28.68 -7.42 -9.29
CA HIS C 257 -27.49 -7.99 -9.92
C HIS C 257 -26.43 -6.97 -10.30
N VAL C 258 -26.71 -5.69 -10.01
CA VAL C 258 -25.81 -4.59 -10.38
C VAL C 258 -25.06 -4.01 -9.16
N LEU C 259 -23.75 -4.25 -9.13
CA LEU C 259 -22.91 -3.83 -8.01
C LEU C 259 -22.00 -2.65 -8.38
N PHE C 260 -21.85 -1.70 -7.45
CA PHE C 260 -20.87 -0.60 -7.59
C PHE C 260 -19.45 -1.17 -7.63
N GLY C 261 -18.72 -0.81 -8.68
CA GLY C 261 -17.34 -1.24 -8.89
C GLY C 261 -16.71 -0.20 -9.78
N THR C 262 -15.39 0.01 -9.66
CA THR C 262 -14.77 1.13 -10.36
C THR C 262 -13.67 0.83 -11.36
N ASP C 263 -12.96 -0.29 -11.18
CA ASP C 263 -11.70 -0.55 -11.91
C ASP C 263 -10.55 0.35 -11.40
N ALA C 264 -10.70 0.88 -10.19
CA ALA C 264 -9.63 1.62 -9.50
C ALA C 264 -8.36 0.77 -9.41
N PRO C 265 -7.18 1.40 -9.62
CA PRO C 265 -6.99 2.83 -9.89
C PRO C 265 -6.87 3.21 -11.36
N PHE C 266 -7.25 2.31 -12.26
CA PHE C 266 -7.06 2.50 -13.71
C PHE C 266 -7.94 3.60 -14.32
N ALA C 267 -7.60 3.98 -15.56
CA ALA C 267 -8.37 4.93 -16.41
C ALA C 267 -8.45 6.41 -15.98
N VAL C 268 -8.77 6.66 -14.71
CA VAL C 268 -8.86 8.02 -14.18
C VAL C 268 -7.77 8.27 -13.14
N MET C 269 -7.00 9.34 -13.35
CA MET C 269 -5.90 9.70 -12.45
C MET C 269 -6.32 10.67 -11.35
N PRO C 270 -5.82 10.47 -10.11
CA PRO C 270 -4.83 9.47 -9.69
C PRO C 270 -5.35 8.09 -9.28
N SER C 271 -6.53 8.03 -8.66
CA SER C 271 -6.95 6.84 -7.90
C SER C 271 -8.14 6.05 -8.43
N GLY C 272 -8.51 6.28 -9.69
CA GLY C 272 -9.64 5.57 -10.30
C GLY C 272 -10.87 6.45 -10.46
N ALA C 273 -11.96 5.84 -10.94
CA ALA C 273 -13.11 6.60 -11.42
C ALA C 273 -14.29 6.68 -10.46
N ASP C 274 -14.01 6.64 -9.15
CA ASP C 274 -15.04 6.66 -8.12
C ASP C 274 -16.09 7.76 -8.31
N GLN C 275 -15.65 8.99 -8.51
CA GLN C 275 -16.58 10.13 -8.61
C GLN C 275 -17.44 10.10 -9.88
N ILE C 276 -16.80 9.87 -11.02
CA ILE C 276 -17.51 9.76 -12.31
C ILE C 276 -18.57 8.66 -12.26
N ILE C 277 -18.19 7.49 -11.75
CA ILE C 277 -19.10 6.33 -11.66
C ILE C 277 -20.21 6.56 -10.62
N THR C 278 -19.86 7.12 -9.46
CA THR C 278 -20.83 7.43 -8.39
C THR C 278 -21.90 8.43 -8.86
N GLN C 279 -21.45 9.45 -9.58
CA GLN C 279 -22.38 10.43 -10.17
C GLN C 279 -23.31 9.78 -11.19
N ALA C 280 -22.77 8.89 -12.03
CA ALA C 280 -23.55 8.17 -13.04
C ALA C 280 -24.68 7.33 -12.44
N ILE C 281 -24.40 6.66 -11.32
CA ILE C 281 -25.40 5.92 -10.55
C ILE C 281 -26.45 6.87 -9.94
N ASN C 282 -25.98 7.97 -9.35
CA ASN C 282 -26.87 8.99 -8.80
C ASN C 282 -27.79 9.63 -9.84
N ASP C 283 -27.33 9.70 -11.08
CA ASP C 283 -28.09 10.29 -12.21
C ASP C 283 -29.19 9.38 -12.79
N LEU C 284 -29.27 8.13 -12.32
CA LEU C 284 -30.31 7.20 -12.76
C LEU C 284 -31.67 7.59 -12.21
N THR C 285 -32.72 7.30 -13.00
CA THR C 285 -34.11 7.55 -12.60
C THR C 285 -34.71 6.32 -11.90
N ILE C 286 -34.12 5.96 -10.77
CA ILE C 286 -34.56 4.83 -9.96
C ILE C 286 -34.71 5.29 -8.51
N SER C 287 -35.28 4.43 -7.67
CA SER C 287 -35.51 4.77 -6.25
C SER C 287 -34.19 4.85 -5.47
N ASP C 288 -34.24 5.52 -4.32
CA ASP C 288 -33.09 5.67 -3.42
C ASP C 288 -32.69 4.32 -2.84
N LYS C 289 -33.67 3.46 -2.61
CA LYS C 289 -33.48 2.08 -2.19
C LYS C 289 -32.66 1.31 -3.23
N ASP C 290 -32.95 1.56 -4.51
CA ASP C 290 -32.31 0.86 -5.61
C ASP C 290 -30.85 1.29 -5.80
N LYS C 291 -30.57 2.56 -5.54
CA LYS C 291 -29.19 3.06 -5.54
C LYS C 291 -28.39 2.52 -4.36
N GLN C 292 -29.07 2.36 -3.23
CA GLN C 292 -28.48 1.82 -2.01
C GLN C 292 -28.15 0.34 -2.16
N LYS C 293 -28.94 -0.35 -3.01
CA LYS C 293 -28.63 -1.71 -3.44
C LYS C 293 -27.32 -1.74 -4.24
N ILE C 294 -27.22 -0.84 -5.21
CA ILE C 294 -26.05 -0.74 -6.07
C ILE C 294 -24.78 -0.41 -5.28
N PHE C 295 -24.85 0.62 -4.43
CA PHE C 295 -23.69 1.08 -3.67
C PHE C 295 -23.25 0.11 -2.56
N HIS C 296 -24.20 -0.55 -1.92
CA HIS C 296 -23.97 -1.25 -0.66
C HIS C 296 -24.56 -2.66 -0.65
N ASP C 297 -25.87 -2.74 -0.75
CA ASP C 297 -26.61 -3.95 -0.36
C ASP C 297 -26.37 -5.18 -1.22
N ASN C 298 -26.26 -4.96 -2.54
CA ASN C 298 -26.02 -6.06 -3.47
C ASN C 298 -24.71 -6.76 -3.20
N TYR C 299 -23.71 -6.02 -2.74
CA TYR C 299 -22.43 -6.59 -2.36
C TYR C 299 -22.56 -7.57 -1.18
N TYR C 300 -23.29 -7.15 -0.16
CA TYR C 300 -23.46 -7.97 1.03
C TYR C 300 -24.34 -9.19 0.81
N SER C 301 -25.30 -9.06 -0.10
CA SER C 301 -26.11 -10.18 -0.57
C SER C 301 -25.26 -11.18 -1.35
N LEU C 302 -24.27 -10.67 -2.09
CA LEU C 302 -23.40 -11.51 -2.90
C LEU C 302 -22.49 -12.39 -2.05
N ILE C 303 -22.05 -11.84 -0.93
CA ILE C 303 -21.03 -12.50 -0.11
C ILE C 303 -21.61 -13.33 1.04
N LYS C 304 -22.89 -13.15 1.32
CA LYS C 304 -23.60 -13.97 2.32
C LYS C 304 -24.03 -15.30 1.73
N LEU D 3 -46.10 7.69 -42.74
CA LEU D 3 -45.35 7.49 -43.96
C LEU D 3 -44.92 6.07 -44.21
N THR D 4 -44.16 5.86 -45.28
CA THR D 4 -43.57 4.56 -45.52
C THR D 4 -42.56 4.33 -44.45
N LYS D 5 -42.29 3.08 -44.15
CA LYS D 5 -41.12 2.75 -43.38
C LYS D 5 -39.99 2.43 -44.33
N ILE D 6 -38.83 2.99 -44.09
CA ILE D 6 -37.64 2.65 -44.87
C ILE D 6 -36.66 1.76 -44.11
N ASP D 7 -36.60 0.49 -44.53
CA ASP D 7 -35.69 -0.50 -43.99
C ASP D 7 -34.33 -0.30 -44.67
N ALA D 8 -33.45 0.44 -44.00
CA ALA D 8 -32.20 0.89 -44.61
C ALA D 8 -31.14 -0.20 -44.79
N TYR D 9 -31.33 -1.36 -44.16
CA TYR D 9 -30.31 -2.40 -44.25
C TYR D 9 -30.91 -3.80 -44.35
N ALA D 10 -31.47 -4.10 -45.53
CA ALA D 10 -31.90 -5.47 -45.85
C ALA D 10 -30.92 -6.09 -46.84
N HIS D 11 -30.92 -7.40 -46.91
CA HIS D 11 -30.03 -8.13 -47.80
C HIS D 11 -30.74 -8.96 -48.85
N ILE D 12 -30.07 -9.16 -49.96
CA ILE D 12 -30.62 -9.93 -51.07
C ILE D 12 -29.47 -10.71 -51.75
N LEU D 13 -29.81 -11.70 -52.55
CA LEU D 13 -28.83 -12.42 -53.36
C LEU D 13 -29.49 -12.72 -54.70
N PRO D 14 -29.31 -11.81 -55.68
CA PRO D 14 -30.01 -11.81 -56.96
C PRO D 14 -29.71 -13.05 -57.82
N ALA D 15 -30.76 -13.56 -58.45
CA ALA D 15 -30.74 -14.85 -59.15
C ALA D 15 -29.63 -15.01 -60.18
N LYS D 16 -29.49 -14.02 -61.07
CA LYS D 16 -28.50 -14.08 -62.16
C LYS D 16 -27.08 -13.95 -61.64
N TYR D 17 -26.90 -13.13 -60.61
CA TYR D 17 -25.59 -12.93 -59.98
C TYR D 17 -25.11 -14.18 -59.23
N TYR D 18 -26.00 -14.76 -58.44
CA TYR D 18 -25.70 -15.95 -57.65
C TYR D 18 -25.29 -17.13 -58.53
N GLN D 19 -26.06 -17.35 -59.59
CA GLN D 19 -25.80 -18.41 -60.57
C GLN D 19 -24.49 -18.21 -61.30
N LYS D 20 -24.12 -16.94 -61.52
CA LYS D 20 -22.84 -16.60 -62.11
C LYS D 20 -21.67 -16.70 -61.11
N MET D 21 -21.99 -16.65 -59.81
CA MET D 21 -20.99 -16.87 -58.77
C MET D 21 -20.76 -18.36 -58.54
N LEU D 22 -21.80 -19.17 -58.75
CA LEU D 22 -21.70 -20.64 -58.70
C LEU D 22 -20.78 -21.19 -59.77
N SER D 23 -20.72 -20.51 -60.91
CA SER D 23 -19.82 -20.85 -62.00
C SER D 23 -18.36 -20.51 -61.69
N VAL D 24 -18.14 -19.53 -60.83
CA VAL D 24 -16.79 -19.15 -60.38
C VAL D 24 -16.22 -20.22 -59.45
N GLU D 25 -16.95 -20.52 -58.39
CA GLU D 25 -16.63 -21.65 -57.52
C GLU D 25 -17.90 -22.44 -57.21
N PRO D 26 -17.91 -23.75 -57.54
CA PRO D 26 -19.05 -24.63 -57.27
C PRO D 26 -19.33 -24.87 -55.79
N ASN D 27 -18.29 -24.78 -54.95
CA ASN D 27 -18.39 -25.06 -53.51
C ASN D 27 -18.99 -23.91 -52.67
N ILE D 28 -19.84 -23.11 -53.30
CA ILE D 28 -20.49 -21.97 -52.64
C ILE D 28 -21.54 -22.32 -51.55
N PRO D 29 -22.45 -23.29 -51.81
CA PRO D 29 -23.40 -23.64 -50.74
C PRO D 29 -22.79 -24.32 -49.51
N ASN D 30 -21.60 -24.89 -49.67
CA ASN D 30 -20.90 -25.59 -48.59
C ASN D 30 -20.04 -24.69 -47.69
N MET D 31 -19.65 -23.52 -48.21
CA MET D 31 -18.83 -22.57 -47.47
C MET D 31 -19.65 -21.53 -46.71
N PHE D 32 -20.92 -21.38 -47.10
CA PHE D 32 -21.80 -20.40 -46.49
C PHE D 32 -23.15 -21.02 -46.11
N PRO D 33 -23.49 -21.00 -44.80
CA PRO D 33 -24.71 -21.63 -44.28
C PRO D 33 -25.98 -20.77 -44.32
N PHE D 34 -25.88 -19.53 -44.77
CA PHE D 34 -27.03 -18.62 -44.81
C PHE D 34 -27.85 -18.70 -46.11
N ILE D 35 -27.39 -19.53 -47.04
CA ILE D 35 -28.08 -19.83 -48.31
C ILE D 35 -29.45 -20.48 -48.08
N LYS D 36 -29.54 -21.26 -47.00
CA LYS D 36 -30.76 -21.95 -46.54
C LYS D 36 -32.06 -21.13 -46.67
N ILE D 37 -32.01 -19.86 -46.27
CA ILE D 37 -33.16 -18.95 -46.33
C ILE D 37 -33.59 -18.71 -47.79
N LYS D 38 -34.88 -18.90 -48.05
CA LYS D 38 -35.41 -18.83 -49.40
C LYS D 38 -35.85 -17.42 -49.82
N THR D 39 -36.10 -16.55 -48.85
CA THR D 39 -36.43 -15.15 -49.14
C THR D 39 -35.18 -14.34 -49.53
N LEU D 40 -34.00 -14.86 -49.19
CA LEU D 40 -32.75 -14.25 -49.61
C LEU D 40 -32.45 -14.53 -51.08
N MET D 41 -32.49 -15.82 -51.45
CA MET D 41 -32.13 -16.27 -52.80
C MET D 41 -33.24 -16.11 -53.83
N ASP D 42 -34.45 -16.56 -53.47
CA ASP D 42 -35.59 -16.57 -54.38
C ASP D 42 -36.42 -15.31 -54.20
N LEU D 43 -36.45 -14.48 -55.24
CA LEU D 43 -37.11 -13.16 -55.22
C LEU D 43 -38.63 -13.25 -55.09
N ASP D 44 -39.23 -14.18 -55.83
CA ASP D 44 -40.68 -14.41 -55.77
C ASP D 44 -41.11 -14.88 -54.38
N GLU D 45 -40.24 -15.65 -53.72
CA GLU D 45 -40.42 -16.02 -52.32
C GLU D 45 -40.33 -14.79 -51.39
N ARG D 46 -39.41 -13.88 -51.69
CA ARG D 46 -39.22 -12.66 -50.91
C ARG D 46 -40.44 -11.75 -50.95
N LEU D 47 -41.00 -11.58 -52.14
CA LEU D 47 -42.14 -10.68 -52.33
C LEU D 47 -43.47 -11.27 -51.82
N THR D 48 -43.62 -12.58 -51.94
CA THR D 48 -44.82 -13.28 -51.44
C THR D 48 -44.90 -13.18 -49.92
N LYS D 49 -43.79 -13.51 -49.24
CA LYS D 49 -43.75 -13.47 -47.78
C LYS D 49 -43.20 -12.15 -47.23
N TRP D 50 -43.50 -11.04 -47.91
CA TRP D 50 -43.05 -9.70 -47.54
C TRP D 50 -43.56 -9.29 -46.14
N PRO D 51 -42.64 -8.88 -45.24
CA PRO D 51 -42.89 -8.72 -43.79
C PRO D 51 -43.88 -7.63 -43.38
N ASP D 52 -43.95 -6.53 -44.14
CA ASP D 52 -44.86 -5.41 -43.83
C ASP D 52 -45.19 -4.64 -45.11
N GLN D 53 -46.45 -4.19 -45.18
CA GLN D 53 -46.96 -3.47 -46.35
CA GLN D 53 -46.94 -3.47 -46.36
C GLN D 53 -46.50 -2.01 -46.40
N ASN D 54 -46.12 -1.48 -45.23
CA ASN D 54 -45.62 -0.12 -45.11
C ASN D 54 -44.10 -0.02 -45.25
N THR D 55 -43.44 -1.16 -45.42
CA THR D 55 -41.97 -1.22 -45.47
C THR D 55 -41.41 -1.34 -46.90
N LYS D 56 -40.53 -0.41 -47.26
CA LYS D 56 -39.68 -0.58 -48.46
C LYS D 56 -38.26 -0.87 -48.02
N GLN D 57 -37.61 -1.81 -48.70
CA GLN D 57 -36.27 -2.24 -48.30
C GLN D 57 -35.18 -1.61 -49.16
N VAL D 58 -34.12 -1.16 -48.49
CA VAL D 58 -32.91 -0.74 -49.16
C VAL D 58 -32.03 -1.98 -49.18
N ILE D 59 -31.77 -2.50 -50.38
CA ILE D 59 -31.16 -3.83 -50.51
C ILE D 59 -29.68 -3.82 -50.84
N SER D 60 -28.92 -4.64 -50.11
CA SER D 60 -27.50 -4.81 -50.38
C SER D 60 -27.21 -6.29 -50.58
N LEU D 61 -26.04 -6.61 -51.11
CA LEU D 61 -25.65 -8.00 -51.28
C LEU D 61 -25.14 -8.59 -49.97
N ALA D 62 -25.48 -9.85 -49.71
CA ALA D 62 -24.86 -10.63 -48.65
C ALA D 62 -23.39 -10.87 -48.99
N ASN D 63 -22.60 -11.33 -48.02
CA ASN D 63 -21.16 -11.43 -48.23
C ASN D 63 -20.70 -12.65 -49.04
N ILE D 64 -21.09 -12.67 -50.30
CA ILE D 64 -20.45 -13.50 -51.31
C ILE D 64 -19.92 -12.51 -52.34
N SER D 65 -18.65 -12.18 -52.20
CA SER D 65 -18.03 -11.11 -52.95
C SER D 65 -16.95 -11.62 -53.90
N PRO D 66 -16.97 -11.15 -55.18
CA PRO D 66 -16.08 -11.62 -56.25
C PRO D 66 -14.60 -11.49 -55.93
N GLU D 67 -14.23 -10.49 -55.13
CA GLU D 67 -12.83 -10.19 -54.78
C GLU D 67 -12.13 -11.32 -54.03
N ASP D 68 -12.90 -12.16 -53.34
CA ASP D 68 -12.35 -13.28 -52.59
C ASP D 68 -12.19 -14.52 -53.46
N PHE D 69 -12.70 -14.48 -54.69
CA PHE D 69 -12.69 -15.64 -55.58
C PHE D 69 -12.05 -15.40 -56.97
N THR D 70 -11.90 -14.13 -57.36
CA THR D 70 -11.32 -13.78 -58.66
C THR D 70 -10.27 -12.66 -58.57
N ASP D 71 -9.55 -12.44 -59.67
CA ASP D 71 -8.57 -11.35 -59.74
C ASP D 71 -9.25 -10.02 -60.05
N SER D 72 -8.47 -8.94 -59.97
CA SER D 72 -8.95 -7.55 -60.06
C SER D 72 -9.85 -7.23 -61.25
N LYS D 73 -9.44 -7.69 -62.43
CA LYS D 73 -10.18 -7.42 -63.66
C LYS D 73 -11.47 -8.25 -63.77
N THR D 74 -11.41 -9.51 -63.35
CA THR D 74 -12.56 -10.43 -63.42
C THR D 74 -13.61 -10.08 -62.37
N SER D 75 -13.16 -9.61 -61.21
CA SER D 75 -14.03 -9.19 -60.11
C SER D 75 -14.80 -7.91 -60.48
N ALA D 76 -14.11 -6.99 -61.15
CA ALA D 76 -14.67 -5.72 -61.60
C ALA D 76 -15.86 -5.91 -62.54
N GLU D 77 -15.75 -6.91 -63.42
CA GLU D 77 -16.83 -7.27 -64.34
C GLU D 77 -18.03 -7.85 -63.61
N LEU D 78 -17.75 -8.65 -62.58
CA LEU D 78 -18.79 -9.29 -61.77
C LEU D 78 -19.56 -8.31 -60.89
N CYS D 79 -18.84 -7.33 -60.35
CA CYS D 79 -19.44 -6.29 -59.50
C CYS D 79 -20.34 -5.33 -60.28
N GLN D 80 -19.83 -4.84 -61.42
CA GLN D 80 -20.58 -3.99 -62.34
C GLN D 80 -21.83 -4.70 -62.87
N SER D 81 -21.74 -6.02 -63.06
CA SER D 81 -22.88 -6.85 -63.44
C SER D 81 -23.88 -7.01 -62.30
N ALA D 82 -23.37 -7.13 -61.07
CA ALA D 82 -24.22 -7.23 -59.88
C ALA D 82 -24.95 -5.92 -59.61
N ASN D 83 -24.24 -4.81 -59.76
CA ASN D 83 -24.81 -3.48 -59.56
C ASN D 83 -25.86 -3.13 -60.60
N GLU D 84 -25.70 -3.67 -61.81
CA GLU D 84 -26.69 -3.53 -62.87
C GLU D 84 -27.95 -4.31 -62.54
N GLU D 85 -27.80 -5.54 -62.04
CA GLU D 85 -28.94 -6.35 -61.63
C GLU D 85 -29.65 -5.79 -60.40
N LEU D 86 -28.87 -5.21 -59.48
CA LEU D 86 -29.42 -4.52 -58.32
C LEU D 86 -30.22 -3.29 -58.72
N SER D 87 -29.65 -2.49 -59.63
CA SER D 87 -30.37 -1.33 -60.19
C SER D 87 -31.65 -1.77 -60.90
N ASN D 88 -31.55 -2.86 -61.68
CA ASN D 88 -32.71 -3.47 -62.33
C ASN D 88 -33.81 -3.87 -61.36
N LEU D 89 -33.43 -4.49 -60.23
CA LEU D 89 -34.36 -4.89 -59.16
C LEU D 89 -35.19 -3.75 -58.55
N VAL D 90 -34.54 -2.60 -58.33
CA VAL D 90 -35.20 -1.40 -57.82
C VAL D 90 -36.10 -0.79 -58.91
N ASP D 91 -35.61 -0.83 -60.15
CA ASP D 91 -36.36 -0.39 -61.31
C ASP D 91 -37.61 -1.27 -61.58
N GLN D 92 -37.42 -2.59 -61.54
CA GLN D 92 -38.52 -3.52 -61.81
C GLN D 92 -39.50 -3.62 -60.65
N HIS D 93 -39.02 -3.40 -59.41
CA HIS D 93 -39.89 -3.50 -58.22
C HIS D 93 -39.87 -2.25 -57.33
N PRO D 94 -40.46 -1.13 -57.82
CA PRO D 94 -40.31 0.17 -57.15
C PRO D 94 -41.16 0.33 -55.88
N GLY D 95 -42.13 -0.53 -55.67
CA GLY D 95 -42.98 -0.45 -54.48
C GLY D 95 -42.42 -1.24 -53.30
N LYS D 96 -41.37 -2.01 -53.56
CA LYS D 96 -40.78 -2.87 -52.56
C LYS D 96 -39.36 -2.44 -52.23
N PHE D 97 -38.68 -1.87 -53.21
CA PHE D 97 -37.29 -1.50 -53.06
C PHE D 97 -37.08 0.00 -53.21
N ALA D 98 -36.67 0.65 -52.11
CA ALA D 98 -36.43 2.10 -52.07
C ALA D 98 -35.13 2.48 -52.77
N GLY D 99 -34.17 1.56 -52.75
CA GLY D 99 -32.92 1.73 -53.47
C GLY D 99 -32.04 0.53 -53.23
N ALA D 100 -30.92 0.48 -53.93
CA ALA D 100 -29.95 -0.58 -53.74
C ALA D 100 -28.58 -0.02 -53.42
N VAL D 101 -27.83 -0.80 -52.67
CA VAL D 101 -26.49 -0.46 -52.25
C VAL D 101 -25.51 -1.31 -53.06
N ALA D 102 -24.62 -0.63 -53.79
CA ALA D 102 -23.74 -1.28 -54.76
C ALA D 102 -22.60 -2.07 -54.12
N ILE D 103 -22.14 -3.10 -54.82
CA ILE D 103 -20.94 -3.86 -54.41
C ILE D 103 -19.66 -3.26 -55.02
N LEU D 104 -18.65 -3.08 -54.16
CA LEU D 104 -17.35 -2.58 -54.59
C LEU D 104 -16.35 -3.73 -54.80
N PRO D 105 -15.58 -3.69 -55.90
CA PRO D 105 -14.46 -4.62 -56.09
C PRO D 105 -13.20 -4.06 -55.45
N MET D 106 -12.90 -4.50 -54.22
CA MET D 106 -11.78 -3.94 -53.47
C MET D 106 -10.41 -4.52 -53.82
N ASN D 107 -10.37 -5.48 -54.73
CA ASN D 107 -9.10 -5.91 -55.33
C ASN D 107 -8.73 -5.05 -56.54
N ASN D 108 -9.70 -4.27 -57.02
CA ASN D 108 -9.51 -3.31 -58.12
C ASN D 108 -9.92 -1.90 -57.69
N ILE D 109 -8.95 -1.18 -57.12
CA ILE D 109 -9.17 0.15 -56.53
C ILE D 109 -9.62 1.19 -57.56
N GLU D 110 -9.08 1.07 -58.76
CA GLU D 110 -9.46 1.92 -59.91
C GLU D 110 -10.94 1.74 -60.27
N SER D 111 -11.37 0.49 -60.33
CA SER D 111 -12.76 0.14 -60.67
C SER D 111 -13.76 0.50 -59.56
N ALA D 112 -13.28 0.50 -58.32
CA ALA D 112 -14.10 0.86 -57.17
C ALA D 112 -14.47 2.34 -57.16
N CYS D 113 -13.54 3.20 -57.57
CA CYS D 113 -13.78 4.63 -57.75
C CYS D 113 -14.83 4.89 -58.83
N LYS D 114 -14.77 4.12 -59.89
CA LYS D 114 -15.76 4.17 -60.94
C LYS D 114 -17.15 3.83 -60.44
N VAL D 115 -17.26 2.81 -59.61
CA VAL D 115 -18.53 2.43 -58.97
C VAL D 115 -19.07 3.61 -58.15
N ILE D 116 -18.23 4.18 -57.29
CA ILE D 116 -18.62 5.34 -56.47
C ILE D 116 -19.13 6.51 -57.32
N SER D 117 -18.43 6.78 -58.43
CA SER D 117 -18.84 7.80 -59.41
C SER D 117 -20.13 7.48 -60.14
N SER D 118 -20.39 6.19 -60.39
CA SER D 118 -21.60 5.75 -61.08
C SER D 118 -22.88 5.89 -60.24
N ILE D 119 -22.72 5.99 -58.92
CA ILE D 119 -23.84 6.17 -57.97
C ILE D 119 -24.54 7.54 -58.13
N LYS D 120 -23.82 8.57 -58.58
CA LYS D 120 -24.42 9.84 -58.98
C LYS D 120 -25.35 9.68 -60.18
N ASP D 121 -24.89 8.87 -61.15
CA ASP D 121 -25.57 8.70 -62.43
C ASP D 121 -26.79 7.77 -62.37
N ASP D 122 -26.85 6.95 -61.33
CA ASP D 122 -27.95 5.98 -61.19
C ASP D 122 -28.90 6.37 -60.07
N GLU D 123 -30.17 6.54 -60.44
CA GLU D 123 -31.23 6.88 -59.50
C GLU D 123 -31.47 5.76 -58.50
N ASN D 124 -31.30 4.52 -58.97
CA ASN D 124 -31.59 3.33 -58.19
C ASN D 124 -30.50 2.94 -57.20
N LEU D 125 -29.27 3.33 -57.49
CA LEU D 125 -28.16 3.08 -56.58
C LEU D 125 -28.00 4.25 -55.61
N VAL D 126 -27.96 3.94 -54.32
CA VAL D 126 -28.16 4.92 -53.27
C VAL D 126 -26.93 5.02 -52.34
N GLY D 127 -26.07 4.02 -52.43
CA GLY D 127 -24.78 4.05 -51.75
C GLY D 127 -23.96 2.86 -52.19
N ALA D 128 -22.84 2.65 -51.52
CA ALA D 128 -22.01 1.45 -51.75
C ALA D 128 -21.73 0.75 -50.41
N GLN D 129 -21.50 -0.56 -50.49
CA GLN D 129 -21.23 -1.34 -49.29
C GLN D 129 -19.73 -1.57 -49.07
N ILE D 130 -19.27 -1.20 -47.88
CA ILE D 130 -17.95 -1.56 -47.41
C ILE D 130 -18.09 -2.63 -46.33
N PHE D 131 -17.07 -3.45 -46.16
CA PHE D 131 -17.08 -4.46 -45.11
C PHE D 131 -16.04 -4.06 -44.07
N THR D 132 -16.07 -4.69 -42.91
CA THR D 132 -15.12 -4.38 -41.85
C THR D 132 -13.71 -4.83 -42.25
N ARG D 133 -13.65 -5.90 -43.04
CA ARG D 133 -12.41 -6.33 -43.68
C ARG D 133 -12.60 -6.68 -45.15
N HIS D 134 -11.63 -6.30 -45.97
CA HIS D 134 -11.54 -6.74 -47.36
C HIS D 134 -10.19 -7.39 -47.59
N LEU D 135 -10.21 -8.58 -48.20
CA LEU D 135 -9.00 -9.35 -48.58
C LEU D 135 -8.03 -9.58 -47.42
N GLY D 136 -8.59 -9.79 -46.22
CA GLY D 136 -7.79 -10.01 -45.02
C GLY D 136 -7.14 -8.76 -44.46
N LYS D 137 -7.56 -7.59 -44.97
CA LYS D 137 -7.05 -6.31 -44.51
C LYS D 137 -8.20 -5.48 -43.93
N SER D 138 -7.88 -4.58 -43.01
CA SER D 138 -8.86 -3.66 -42.44
C SER D 138 -9.41 -2.73 -43.52
N ILE D 139 -10.62 -2.24 -43.31
CA ILE D 139 -11.20 -1.21 -44.18
C ILE D 139 -10.41 0.10 -44.06
N ALA D 140 -9.75 0.26 -42.91
CA ALA D 140 -8.94 1.44 -42.61
C ALA D 140 -7.57 1.47 -43.31
N ASP D 141 -7.21 0.38 -43.98
CA ASP D 141 -5.95 0.30 -44.70
C ASP D 141 -5.89 1.33 -45.84
N LYS D 142 -4.73 1.95 -46.01
CA LYS D 142 -4.52 3.02 -47.00
C LYS D 142 -4.73 2.59 -48.46
N GLU D 143 -4.75 1.28 -48.70
CA GLU D 143 -5.09 0.70 -50.00
C GLU D 143 -6.54 1.00 -50.40
N PHE D 144 -7.44 1.05 -49.42
CA PHE D 144 -8.86 1.27 -49.66
C PHE D 144 -9.26 2.73 -49.44
N ARG D 145 -8.38 3.50 -48.81
CA ARG D 145 -8.60 4.92 -48.53
C ARG D 145 -9.03 5.83 -49.70
N PRO D 146 -8.46 5.65 -50.93
CA PRO D 146 -8.98 6.43 -52.07
C PRO D 146 -10.47 6.26 -52.37
N VAL D 147 -11.01 5.06 -52.16
CA VAL D 147 -12.44 4.78 -52.34
C VAL D 147 -13.30 5.61 -51.36
N LEU D 148 -12.90 5.57 -50.08
CA LEU D 148 -13.57 6.33 -49.02
C LEU D 148 -13.44 7.83 -49.22
N ALA D 149 -12.29 8.25 -49.76
CA ALA D 149 -12.07 9.65 -50.16
C ALA D 149 -13.03 10.07 -51.26
N GLN D 150 -13.15 9.21 -52.27
CA GLN D 150 -14.01 9.44 -53.45
C GLN D 150 -15.48 9.51 -53.05
N ALA D 151 -15.89 8.67 -52.11
CA ALA D 151 -17.25 8.71 -51.56
C ALA D 151 -17.53 9.99 -50.79
N ALA D 152 -16.53 10.45 -50.04
CA ALA D 152 -16.64 11.70 -49.28
C ALA D 152 -16.72 12.94 -50.20
N LYS D 153 -15.87 12.98 -51.21
CA LYS D 153 -15.87 14.07 -52.19
C LYS D 153 -17.19 14.11 -52.96
N LEU D 154 -17.62 12.96 -53.46
CA LEU D 154 -18.86 12.86 -54.25
C LEU D 154 -20.14 12.81 -53.42
N HIS D 155 -20.00 12.83 -52.10
CA HIS D 155 -21.10 12.79 -51.12
C HIS D 155 -21.97 11.52 -51.24
N VAL D 156 -21.31 10.38 -51.43
CA VAL D 156 -21.96 9.06 -51.47
C VAL D 156 -21.87 8.37 -50.10
N PRO D 157 -23.03 8.06 -49.47
CA PRO D 157 -23.00 7.37 -48.17
C PRO D 157 -22.62 5.91 -48.31
N LEU D 158 -21.94 5.39 -47.29
CA LEU D 158 -21.46 4.03 -47.29
C LEU D 158 -22.16 3.19 -46.25
N TRP D 159 -22.41 1.93 -46.60
CA TRP D 159 -23.03 0.96 -45.71
C TRP D 159 -21.90 0.05 -45.21
N MET D 160 -21.66 0.01 -43.89
CA MET D 160 -20.59 -0.84 -43.36
C MET D 160 -21.13 -2.11 -42.70
N HIS D 161 -20.73 -3.25 -43.25
CA HIS D 161 -21.20 -4.56 -42.80
C HIS D 161 -20.06 -5.35 -42.16
N PRO D 162 -20.36 -6.11 -41.08
CA PRO D 162 -19.33 -6.97 -40.53
C PRO D 162 -18.96 -8.18 -41.38
N VAL D 163 -17.71 -8.62 -41.28
CA VAL D 163 -17.27 -9.94 -41.74
C VAL D 163 -16.38 -10.54 -40.65
N PHE D 164 -16.39 -11.87 -40.51
CA PHE D 164 -15.47 -12.54 -39.59
C PHE D 164 -14.02 -12.28 -39.97
N ASP D 165 -13.21 -11.95 -38.97
CA ASP D 165 -11.79 -11.96 -39.16
C ASP D 165 -11.39 -13.44 -39.07
N ALA D 166 -10.79 -13.94 -40.14
CA ALA D 166 -10.38 -15.34 -40.24
C ALA D 166 -9.19 -15.65 -39.34
N ARG D 167 -8.39 -14.64 -39.02
CA ARG D 167 -7.25 -14.76 -38.14
C ARG D 167 -7.66 -15.01 -36.68
N LYS D 168 -8.76 -14.40 -36.27
CA LYS D 168 -9.27 -14.52 -34.91
C LYS D 168 -9.99 -15.86 -34.68
N PRO D 169 -9.59 -16.60 -33.61
CA PRO D 169 -10.26 -17.84 -33.22
C PRO D 169 -11.56 -17.61 -32.43
N ASP D 170 -12.37 -18.66 -32.33
CA ASP D 170 -13.66 -18.67 -31.62
C ASP D 170 -14.69 -17.70 -32.18
N ASN D 171 -14.66 -17.48 -33.49
CA ASN D 171 -15.67 -16.70 -34.20
C ASN D 171 -17.05 -17.34 -34.10
N ASN D 172 -18.03 -16.54 -33.69
CA ASN D 172 -19.40 -17.01 -33.54
C ASN D 172 -20.41 -15.93 -33.94
N LEU D 173 -21.66 -16.34 -34.09
CA LEU D 173 -22.71 -15.45 -34.57
C LEU D 173 -23.21 -14.50 -33.50
N VAL D 174 -22.87 -14.77 -32.24
CA VAL D 174 -23.35 -13.98 -31.11
C VAL D 174 -22.64 -12.62 -30.98
N PHE D 175 -21.30 -12.65 -30.93
CA PHE D 175 -20.52 -11.46 -30.56
C PHE D 175 -19.50 -10.97 -31.58
N SER D 176 -18.93 -11.90 -32.35
CA SER D 176 -17.74 -11.64 -33.17
C SER D 176 -17.85 -10.51 -34.21
N TRP D 177 -18.96 -10.49 -34.94
CA TRP D 177 -19.25 -9.43 -35.91
C TRP D 177 -19.31 -8.03 -35.32
N GLU D 178 -19.78 -7.95 -34.09
CA GLU D 178 -20.02 -6.69 -33.43
C GLU D 178 -18.71 -6.13 -32.87
N TYR D 179 -17.81 -7.04 -32.49
CA TYR D 179 -16.45 -6.69 -32.20
C TYR D 179 -15.77 -6.17 -33.46
N GLU D 180 -15.97 -6.84 -34.58
CA GLU D 180 -15.38 -6.46 -35.88
C GLU D 180 -15.79 -5.06 -36.32
N LEU D 181 -17.08 -4.75 -36.15
CA LEU D 181 -17.60 -3.41 -36.41
C LEU D 181 -16.94 -2.37 -35.50
N SER D 182 -16.67 -2.76 -34.26
CA SER D 182 -16.05 -1.87 -33.28
C SER D 182 -14.59 -1.65 -33.62
N GLN D 183 -13.90 -2.74 -33.98
CA GLN D 183 -12.52 -2.68 -34.45
C GLN D 183 -12.38 -1.75 -35.65
N ALA D 184 -13.22 -1.96 -36.66
CA ALA D 184 -13.20 -1.17 -37.89
C ALA D 184 -13.48 0.31 -37.63
N MET D 185 -14.48 0.60 -36.81
CA MET D 185 -14.79 1.99 -36.43
C MET D 185 -13.60 2.65 -35.72
N LEU D 186 -12.94 1.90 -34.83
CA LEU D 186 -11.79 2.39 -34.10
C LEU D 186 -10.60 2.65 -35.00
N GLN D 187 -10.33 1.69 -35.90
CA GLN D 187 -9.21 1.78 -36.81
C GLN D 187 -9.40 2.92 -37.82
N LEU D 188 -10.64 3.11 -38.27
CA LEU D 188 -10.98 4.25 -39.14
C LEU D 188 -10.75 5.61 -38.46
N VAL D 189 -11.21 5.74 -37.22
CA VAL D 189 -11.05 6.98 -36.46
C VAL D 189 -9.57 7.27 -36.18
N GLN D 190 -8.84 6.26 -35.72
CA GLN D 190 -7.43 6.44 -35.36
CA GLN D 190 -7.42 6.39 -35.37
C GLN D 190 -6.54 6.68 -36.58
N SER D 191 -6.99 6.26 -37.76
CA SER D 191 -6.28 6.55 -39.00
C SER D 191 -6.75 7.86 -39.65
N ASP D 192 -7.41 8.70 -38.84
CA ASP D 192 -7.81 10.07 -39.19
C ASP D 192 -8.80 10.22 -40.35
N LEU D 193 -9.63 9.21 -40.61
CA LEU D 193 -10.65 9.26 -41.67
C LEU D 193 -11.57 10.46 -41.52
N PHE D 194 -12.05 10.70 -40.30
CA PHE D 194 -12.97 11.81 -40.05
C PHE D 194 -12.26 13.12 -39.71
N GLN D 195 -10.93 13.07 -39.63
CA GLN D 195 -10.13 14.28 -39.54
C GLN D 195 -9.93 14.86 -40.94
N ASP D 196 -9.63 13.97 -41.89
CA ASP D 196 -9.52 14.32 -43.29
C ASP D 196 -10.89 14.62 -43.91
N TYR D 197 -11.84 13.73 -43.65
CA TYR D 197 -13.19 13.85 -44.24
C TYR D 197 -14.32 13.86 -43.21
N PRO D 198 -14.47 14.96 -42.44
CA PRO D 198 -15.53 14.99 -41.42
C PRO D 198 -16.98 14.91 -41.91
N ASN D 199 -17.19 15.02 -43.23
CA ASN D 199 -18.55 14.96 -43.77
C ASN D 199 -18.90 13.63 -44.45
N LEU D 200 -17.97 12.68 -44.43
CA LEU D 200 -18.22 11.34 -44.97
C LEU D 200 -19.31 10.67 -44.15
N LYS D 201 -20.28 10.10 -44.86
CA LYS D 201 -21.43 9.41 -44.30
C LYS D 201 -21.25 7.91 -44.35
N ILE D 202 -21.14 7.29 -43.17
CA ILE D 202 -21.06 5.85 -43.07
C ILE D 202 -22.19 5.37 -42.14
N LEU D 203 -23.03 4.51 -42.70
CA LEU D 203 -24.07 3.83 -41.96
C LEU D 203 -23.57 2.49 -41.45
N VAL D 204 -23.45 2.41 -40.12
CA VAL D 204 -22.94 1.23 -39.43
C VAL D 204 -24.05 0.27 -39.00
N HIS D 205 -23.91 -0.98 -39.41
CA HIS D 205 -24.80 -2.06 -39.00
C HIS D 205 -24.75 -2.30 -37.48
N HIS D 206 -25.90 -2.66 -36.91
CA HIS D 206 -26.04 -3.11 -35.52
C HIS D 206 -25.94 -2.05 -34.43
N ALA D 207 -26.50 -0.87 -34.71
CA ALA D 207 -26.68 0.21 -33.73
C ALA D 207 -25.39 0.81 -33.17
N GLY D 208 -24.31 0.68 -33.93
CA GLY D 208 -23.02 1.24 -33.53
C GLY D 208 -22.23 0.27 -32.69
N ALA D 209 -22.65 -0.98 -32.71
CA ALA D 209 -21.98 -2.09 -32.05
C ALA D 209 -21.66 -1.79 -30.57
N MET D 210 -20.39 -1.84 -30.19
CA MET D 210 -19.99 -1.70 -28.78
C MET D 210 -19.80 -0.26 -28.32
N VAL D 211 -20.00 0.71 -29.22
CA VAL D 211 -19.67 2.11 -28.94
C VAL D 211 -20.57 2.82 -27.89
N PRO D 212 -21.91 2.81 -28.06
CA PRO D 212 -22.77 3.50 -27.07
C PRO D 212 -22.67 3.01 -25.62
N PHE D 213 -22.39 1.72 -25.42
CA PHE D 213 -22.24 1.17 -24.08
C PHE D 213 -20.87 1.52 -23.53
N PHE D 214 -19.88 1.57 -24.42
CA PHE D 214 -18.48 1.75 -24.02
C PHE D 214 -17.86 3.10 -24.41
N SER D 215 -18.71 4.11 -24.52
CA SER D 215 -18.24 5.46 -24.84
C SER D 215 -17.35 6.04 -23.74
N GLY D 216 -17.64 5.67 -22.48
CA GLY D 216 -16.77 5.99 -21.34
C GLY D 216 -15.32 5.56 -21.51
N ARG D 217 -15.12 4.34 -22.03
CA ARG D 217 -13.77 3.84 -22.39
C ARG D 217 -13.11 4.68 -23.47
N ILE D 218 -13.84 4.93 -24.58
CA ILE D 218 -13.36 5.77 -25.68
C ILE D 218 -12.96 7.17 -25.20
N ASP D 219 -13.81 7.76 -24.37
CA ASP D 219 -13.60 9.12 -23.86
C ASP D 219 -12.44 9.24 -22.87
N HIS D 220 -12.03 8.12 -22.27
CA HIS D 220 -10.93 8.13 -21.30
C HIS D 220 -9.66 7.44 -21.81
N ILE D 221 -9.68 6.98 -23.06
CA ILE D 221 -8.49 6.36 -23.66
C ILE D 221 -7.97 7.22 -24.82
N LEU D 222 -8.89 7.67 -25.67
CA LEU D 222 -8.55 8.46 -26.84
C LEU D 222 -8.62 9.96 -26.53
N ASP D 223 -7.89 10.78 -27.28
CA ASP D 223 -7.97 12.23 -27.12
C ASP D 223 -9.32 12.81 -27.57
N GLU D 224 -9.57 14.06 -27.18
CA GLU D 224 -10.82 14.78 -27.43
C GLU D 224 -11.31 14.69 -28.88
N LYS D 225 -10.42 14.97 -29.82
CA LYS D 225 -10.75 14.97 -31.25
C LYS D 225 -11.16 13.59 -31.75
N HIS D 226 -10.42 12.57 -31.32
CA HIS D 226 -10.65 11.21 -31.79
C HIS D 226 -11.86 10.55 -31.14
N ALA D 227 -12.05 10.79 -29.84
CA ALA D 227 -13.24 10.34 -29.13
C ALA D 227 -14.53 10.85 -29.79
N GLN D 228 -14.52 12.11 -30.21
CA GLN D 228 -15.73 12.72 -30.76
C GLN D 228 -16.00 12.31 -32.20
N ASP D 229 -14.98 11.79 -32.89
CA ASP D 229 -15.12 11.28 -34.26
C ASP D 229 -16.06 10.06 -34.36
N PHE D 230 -16.19 9.30 -33.26
CA PHE D 230 -17.10 8.16 -33.19
C PHE D 230 -18.57 8.55 -33.36
N LYS D 231 -18.89 9.79 -32.97
CA LYS D 231 -20.25 10.33 -33.04
CA LYS D 231 -20.24 10.34 -33.04
C LYS D 231 -20.66 10.72 -34.46
N LYS D 232 -19.72 10.66 -35.41
CA LYS D 232 -19.97 11.05 -36.80
C LYS D 232 -20.60 9.92 -37.60
N PHE D 233 -20.44 8.70 -37.12
CA PHE D 233 -21.03 7.53 -37.75
C PHE D 233 -22.54 7.60 -37.65
N TYR D 234 -23.20 7.07 -38.67
CA TYR D 234 -24.64 6.86 -38.67
C TYR D 234 -24.82 5.38 -38.34
N VAL D 235 -25.93 5.04 -37.69
CA VAL D 235 -26.22 3.65 -37.29
C VAL D 235 -27.66 3.21 -37.56
N ASP D 236 -27.84 1.91 -37.79
CA ASP D 236 -29.18 1.35 -37.96
C ASP D 236 -29.73 0.71 -36.68
N THR D 237 -30.95 0.18 -36.74
CA THR D 237 -31.60 -0.37 -35.55
C THR D 237 -31.55 -1.90 -35.52
N ALA D 238 -30.65 -2.49 -36.30
CA ALA D 238 -30.61 -3.93 -36.50
C ALA D 238 -29.94 -4.69 -35.35
N ILE D 239 -30.56 -4.64 -34.17
CA ILE D 239 -30.09 -5.40 -33.02
C ILE D 239 -31.17 -6.34 -32.43
N LEU D 240 -32.16 -6.66 -33.25
CA LEU D 240 -33.25 -7.59 -32.93
C LEU D 240 -34.11 -7.14 -31.74
N GLY D 241 -34.55 -5.89 -31.79
CA GLY D 241 -35.39 -5.34 -30.74
C GLY D 241 -34.62 -4.48 -29.76
N ASN D 242 -34.84 -4.72 -28.46
CA ASN D 242 -34.12 -4.08 -27.34
C ASN D 242 -34.28 -2.56 -27.27
N THR D 243 -35.46 -2.13 -26.82
CA THR D 243 -35.79 -0.71 -26.66
C THR D 243 -34.77 0.17 -25.90
N PRO D 244 -34.33 -0.22 -24.67
CA PRO D 244 -33.35 0.65 -24.01
C PRO D 244 -31.93 0.65 -24.61
N ALA D 245 -31.60 -0.36 -25.41
CA ALA D 245 -30.35 -0.33 -26.18
C ALA D 245 -30.49 0.67 -27.32
N LEU D 246 -31.66 0.71 -27.95
CA LEU D 246 -31.91 1.69 -29.00
C LEU D 246 -31.90 3.10 -28.42
N GLN D 247 -32.48 3.26 -27.23
CA GLN D 247 -32.44 4.52 -26.50
C GLN D 247 -31.01 4.99 -26.26
N LEU D 248 -30.15 4.09 -25.78
CA LEU D 248 -28.74 4.37 -25.56
C LEU D 248 -28.02 4.81 -26.85
N ALA D 249 -28.40 4.21 -27.97
CA ALA D 249 -27.84 4.60 -29.28
C ALA D 249 -28.24 6.03 -29.64
N ILE D 250 -29.50 6.38 -29.37
CA ILE D 250 -30.01 7.75 -29.53
C ILE D 250 -29.27 8.75 -28.62
N ASP D 251 -29.02 8.34 -27.38
CA ASP D 251 -28.33 9.20 -26.41
C ASP D 251 -26.91 9.56 -26.85
N TYR D 252 -26.21 8.59 -27.41
CA TYR D 252 -24.87 8.82 -27.91
C TYR D 252 -24.83 9.55 -29.24
N TYR D 253 -25.49 8.99 -30.26
CA TYR D 253 -25.38 9.50 -31.63
C TYR D 253 -26.25 10.71 -31.94
N GLY D 254 -27.30 10.92 -31.15
CA GLY D 254 -28.33 11.88 -31.52
C GLY D 254 -29.41 11.21 -32.35
N ILE D 255 -30.64 11.71 -32.22
CA ILE D 255 -31.79 11.17 -32.95
C ILE D 255 -31.62 11.21 -34.49
N ASP D 256 -30.77 12.11 -34.97
CA ASP D 256 -30.59 12.31 -36.41
C ASP D 256 -29.70 11.23 -37.06
N HIS D 257 -28.99 10.47 -36.24
CA HIS D 257 -28.03 9.46 -36.73
C HIS D 257 -28.51 8.02 -36.57
N VAL D 258 -29.78 7.84 -36.19
CA VAL D 258 -30.35 6.50 -35.96
C VAL D 258 -31.44 6.18 -37.00
N LEU D 259 -31.20 5.12 -37.76
CA LEU D 259 -32.05 4.78 -38.90
C LEU D 259 -32.67 3.42 -38.74
N PHE D 260 -33.91 3.27 -39.21
CA PHE D 260 -34.58 1.97 -39.20
C PHE D 260 -33.88 1.01 -40.14
N GLY D 261 -33.49 -0.14 -39.60
CA GLY D 261 -32.85 -1.19 -40.38
C GLY D 261 -33.08 -2.50 -39.64
N THR D 262 -33.15 -3.60 -40.39
CA THR D 262 -33.57 -4.85 -39.78
C THR D 262 -32.59 -6.02 -39.87
N ASP D 263 -31.78 -6.04 -40.93
CA ASP D 263 -30.92 -7.19 -41.25
C ASP D 263 -31.76 -8.32 -41.90
N ALA D 264 -32.84 -7.94 -42.58
CA ALA D 264 -33.70 -8.86 -43.31
C ALA D 264 -32.94 -9.61 -44.41
N PRO D 265 -33.25 -10.90 -44.63
CA PRO D 265 -34.23 -11.72 -43.92
C PRO D 265 -33.67 -12.55 -42.77
N PHE D 266 -32.47 -12.22 -42.30
CA PHE D 266 -31.74 -13.01 -41.33
C PHE D 266 -32.35 -12.99 -39.97
N ALA D 267 -31.90 -13.91 -39.12
CA ALA D 267 -32.29 -13.92 -37.74
C ALA D 267 -33.66 -14.53 -37.56
N VAL D 268 -34.64 -14.03 -38.30
CA VAL D 268 -36.02 -14.36 -38.03
C VAL D 268 -36.73 -14.75 -39.31
N MET D 269 -37.11 -16.01 -39.40
CA MET D 269 -37.81 -16.51 -40.56
C MET D 269 -39.25 -16.10 -40.54
N PRO D 270 -39.84 -15.95 -41.70
CA PRO D 270 -39.15 -16.11 -43.00
C PRO D 270 -38.37 -14.88 -43.50
N SER D 271 -38.82 -13.69 -43.15
CA SER D 271 -38.42 -12.46 -43.84
C SER D 271 -37.74 -11.39 -42.99
N GLY D 272 -37.06 -11.81 -41.92
CA GLY D 272 -36.37 -10.88 -41.05
C GLY D 272 -37.24 -10.33 -39.94
N ALA D 273 -36.65 -9.44 -39.14
CA ALA D 273 -37.22 -9.04 -37.87
C ALA D 273 -37.94 -7.69 -37.90
N ASP D 274 -38.60 -7.38 -39.01
CA ASP D 274 -39.34 -6.11 -39.18
C ASP D 274 -40.33 -5.82 -38.06
N GLN D 275 -41.11 -6.84 -37.67
CA GLN D 275 -42.18 -6.69 -36.67
C GLN D 275 -41.64 -6.36 -35.28
N ILE D 276 -40.64 -7.12 -34.84
CA ILE D 276 -40.01 -6.94 -33.52
C ILE D 276 -39.31 -5.59 -33.41
N ILE D 277 -38.51 -5.25 -34.43
CA ILE D 277 -37.75 -4.00 -34.47
C ILE D 277 -38.66 -2.76 -34.53
N THR D 278 -39.74 -2.85 -35.31
CA THR D 278 -40.76 -1.78 -35.37
C THR D 278 -41.48 -1.61 -34.03
N GLN D 279 -41.78 -2.73 -33.38
CA GLN D 279 -42.36 -2.71 -32.04
C GLN D 279 -41.43 -2.05 -31.03
N ALA D 280 -40.14 -2.42 -31.10
CA ALA D 280 -39.09 -1.83 -30.25
C ALA D 280 -38.94 -0.32 -30.39
N ILE D 281 -38.99 0.19 -31.63
CA ILE D 281 -38.88 1.63 -31.89
C ILE D 281 -40.13 2.37 -31.39
N ASN D 282 -41.29 1.74 -31.59
CA ASN D 282 -42.57 2.29 -31.12
C ASN D 282 -42.65 2.45 -29.60
N ASP D 283 -42.01 1.54 -28.86
CA ASP D 283 -41.98 1.54 -27.40
C ASP D 283 -41.04 2.56 -26.74
N LEU D 284 -40.30 3.34 -27.53
CA LEU D 284 -39.36 4.34 -27.00
C LEU D 284 -40.09 5.57 -26.43
N THR D 285 -39.56 6.13 -25.34
CA THR D 285 -40.13 7.33 -24.70
C THR D 285 -39.61 8.59 -25.38
N ILE D 286 -39.98 8.75 -26.65
CA ILE D 286 -39.57 9.90 -27.46
C ILE D 286 -40.77 10.41 -28.27
N SER D 287 -40.60 11.58 -28.90
CA SER D 287 -41.67 12.18 -29.68
C SER D 287 -41.99 11.39 -30.95
N ASP D 288 -43.18 11.64 -31.49
CA ASP D 288 -43.66 11.05 -32.74
CA ASP D 288 -43.60 10.98 -32.72
C ASP D 288 -42.84 11.49 -33.93
N LYS D 289 -42.37 12.74 -33.86
CA LYS D 289 -41.50 13.34 -34.88
C LYS D 289 -40.15 12.61 -34.91
N ASP D 290 -39.65 12.27 -33.71
CA ASP D 290 -38.40 11.54 -33.55
C ASP D 290 -38.48 10.11 -34.08
N LYS D 291 -39.65 9.48 -33.94
CA LYS D 291 -39.87 8.13 -34.46
C LYS D 291 -39.91 8.08 -35.99
N GLN D 292 -40.57 9.06 -36.61
CA GLN D 292 -40.66 9.11 -38.07
C GLN D 292 -39.32 9.46 -38.70
N LYS D 293 -38.48 10.19 -37.95
CA LYS D 293 -37.07 10.36 -38.31
C LYS D 293 -36.37 9.01 -38.43
N ILE D 294 -36.52 8.17 -37.41
CA ILE D 294 -35.97 6.82 -37.40
C ILE D 294 -36.50 5.98 -38.58
N PHE D 295 -37.80 5.81 -38.69
CA PHE D 295 -38.41 4.99 -39.71
C PHE D 295 -38.20 5.44 -41.13
N HIS D 296 -37.96 6.73 -41.33
CA HIS D 296 -38.23 7.36 -42.60
C HIS D 296 -37.29 8.50 -42.96
N ASP D 297 -37.32 9.56 -42.17
CA ASP D 297 -36.69 10.82 -42.51
C ASP D 297 -35.17 10.77 -42.52
N ASN D 298 -34.60 10.10 -41.54
CA ASN D 298 -33.16 10.01 -41.40
C ASN D 298 -32.50 9.47 -42.65
N TYR D 299 -33.13 8.49 -43.26
CA TYR D 299 -32.74 7.88 -44.53
C TYR D 299 -32.62 8.89 -45.68
N TYR D 300 -33.60 9.77 -45.80
CA TYR D 300 -33.61 10.74 -46.91
C TYR D 300 -32.59 11.85 -46.72
N SER D 301 -32.30 12.18 -45.46
CA SER D 301 -31.20 13.10 -45.11
C SER D 301 -29.83 12.48 -45.38
N LEU D 302 -29.74 11.16 -45.22
CA LEU D 302 -28.49 10.44 -45.45
C LEU D 302 -28.14 10.38 -46.94
N ILE D 303 -29.16 10.23 -47.78
CA ILE D 303 -28.95 10.10 -49.22
C ILE D 303 -29.22 11.41 -50.01
N LYS D 304 -29.41 12.51 -49.30
CA LYS D 304 -29.62 13.83 -49.94
C LYS D 304 -28.38 14.35 -50.67
ZN ZN E . 13.17 -8.68 33.02
NA NA F . -4.75 -17.77 24.91
ZN ZN G . 26.28 18.54 20.97
NA NA H . 38.06 32.21 33.14
ZN ZN I . -9.98 -4.16 -14.31
NA NA J . -14.64 -15.31 4.36
ZN ZN K . -26.24 -8.03 -41.94
NA NA L . -28.12 7.81 -56.73
#